data_6KHD
#
_entry.id   6KHD
#
_cell.length_a   56.529
_cell.length_b   115.675
_cell.length_c   90.608
_cell.angle_alpha   90.000
_cell.angle_beta   100.380
_cell.angle_gamma   90.000
#
_symmetry.space_group_name_H-M   'P 1 21 1'
#
loop_
_entity.id
_entity.type
_entity.pdbx_description
1 polymer 'Dual specificity protein kinase CLK1'
2 non-polymer '5-[(3-chlorophenyl)amino]benzo[c][2,6]naphthyridine-8-carboxylic acid'
3 water water
#
_entity_poly.entity_id   1
_entity_poly.type   'polypeptide(L)'
_entity_poly.pdbx_seq_one_letter_code
;MRHSKRTYCPDWDDKDWDYGKWRSSSSHKRRKRSHSSAQENKRCKYNHSKMCDSHYLESRSINEKDYHSRRYIDEYRNDY
TQGCEPGHRQRDHESRYQNHSSKSSGRSGRSSYKSKHRIHHSTSHRRSHGKSHRRKRTRSVEDDEEGHLICQSGDVLSAR
YEIVDTLGEGAFGKVVECIDHKAGGRHVAVKIVKNVDRYCEAARSEIQVLEHLNTTDPNSTFRCVQMLEWFEHHGHICIV
FELLGLSTYDFIKENGFLPFRLDHIRKMAYQICKSVNFLHSNKLTHTDLKPENILFVQSDYTEAYNPKIKRDERTLINPD
IKVVDFGSATYDDEHHSTLVSTRHYRAPEVILALGWSQPCDVWSIGCILIEYYLGFTVFPTHDSKEHLAMMERILGPLPK
HMIQKTRKRKYFHHDRLDWDEHSSAGRYVSRACKPLKEFMLSQDVEHERLFDLIQKMLEYDPAKRITLREALKHPFFDLL
KKSI
;
_entity_poly.pdbx_strand_id   A,B,C
#
# COMPACT_ATOMS: atom_id res chain seq x y z
N LEU A 149 15.30 -15.95 13.51
CA LEU A 149 14.60 -17.23 13.33
C LEU A 149 15.69 -18.31 13.21
N ILE A 150 15.55 -19.36 14.02
CA ILE A 150 16.63 -20.16 14.63
C ILE A 150 18.06 -20.08 14.07
N CYS A 151 18.81 -19.15 14.65
CA CYS A 151 20.25 -18.99 14.47
C CYS A 151 21.05 -19.65 15.62
N GLN A 152 22.37 -19.39 15.70
CA GLN A 152 23.20 -19.81 16.84
C GLN A 152 24.65 -19.24 16.83
N SER A 153 25.30 -19.24 17.98
CA SER A 153 26.63 -18.68 18.08
C SER A 153 27.68 -19.51 17.34
N GLY A 154 28.75 -18.85 16.90
CA GLY A 154 29.80 -19.49 16.12
C GLY A 154 29.45 -19.62 14.64
N ASP A 155 28.22 -19.28 14.26
CA ASP A 155 27.80 -19.42 12.86
C ASP A 155 28.43 -18.39 11.92
N VAL A 156 28.28 -18.61 10.62
CA VAL A 156 28.77 -17.67 9.64
C VAL A 156 27.70 -17.35 8.61
N LEU A 157 27.54 -16.06 8.36
CA LEU A 157 26.49 -15.53 7.53
C LEU A 157 27.12 -15.01 6.26
N SER A 158 26.57 -15.36 5.11
CA SER A 158 27.06 -14.86 3.83
C SER A 158 28.57 -14.96 3.68
N ALA A 159 29.17 -15.95 4.34
CA ALA A 159 30.60 -16.25 4.21
C ALA A 159 31.50 -15.10 4.64
N ARG A 160 31.02 -14.28 5.57
CA ARG A 160 31.73 -13.07 5.96
C ARG A 160 31.62 -12.81 7.45
N TYR A 161 30.40 -12.90 7.96
CA TYR A 161 30.17 -12.50 9.35
C TYR A 161 30.04 -13.69 10.28
N GLU A 162 30.79 -13.67 11.37
CA GLU A 162 30.71 -14.74 12.33
C GLU A 162 30.08 -14.29 13.62
N ILE A 163 28.88 -14.77 13.88
CA ILE A 163 28.16 -14.54 15.12
C ILE A 163 28.99 -14.84 16.37
N VAL A 164 29.13 -13.86 17.25
CA VAL A 164 29.78 -14.15 18.53
C VAL A 164 28.73 -14.25 19.64
N ASP A 165 27.71 -13.39 19.64
CA ASP A 165 26.67 -13.47 20.66
C ASP A 165 25.38 -12.86 20.13
N THR A 166 24.33 -12.84 20.94
CA THR A 166 23.06 -12.22 20.59
C THR A 166 22.78 -10.95 21.39
N LEU A 167 22.67 -9.83 20.70
CA LEU A 167 22.44 -8.52 21.32
C LEU A 167 21.01 -8.34 21.81
N GLY A 168 20.08 -9.11 21.25
CA GLY A 168 18.69 -8.96 21.60
C GLY A 168 17.76 -9.64 20.62
N GLU A 169 16.51 -9.83 21.02
CA GLU A 169 15.49 -10.40 20.14
C GLU A 169 14.22 -9.55 20.10
N GLY A 170 13.38 -9.83 19.11
CA GLY A 170 12.13 -9.12 18.94
C GLY A 170 11.24 -9.94 18.04
N ALA A 171 10.06 -9.42 17.73
CA ALA A 171 9.13 -10.13 16.87
C ALA A 171 9.66 -10.22 15.44
N PHE A 172 10.45 -9.25 15.05
CA PHE A 172 10.97 -9.17 13.69
C PHE A 172 11.99 -10.28 13.54
N GLY A 173 12.65 -10.56 14.66
CA GLY A 173 13.70 -11.56 14.87
C GLY A 173 14.76 -10.98 15.77
N LYS A 174 16.03 -11.07 15.36
CA LYS A 174 17.08 -10.75 16.30
C LYS A 174 18.23 -9.91 15.78
N VAL A 175 19.05 -9.45 16.72
CA VAL A 175 20.24 -8.70 16.43
C VAL A 175 21.43 -9.38 17.09
N VAL A 176 22.48 -9.58 16.31
CA VAL A 176 23.65 -10.28 16.82
C VAL A 176 24.91 -9.47 16.61
N GLU A 177 25.83 -9.58 17.55
CA GLU A 177 27.17 -9.12 17.30
C GLU A 177 27.97 -10.15 16.46
N CYS A 178 28.58 -9.70 15.37
CA CYS A 178 29.44 -10.55 14.55
C CYS A 178 30.83 -9.97 14.43
N ILE A 179 31.74 -10.81 13.97
CA ILE A 179 33.07 -10.40 13.54
C ILE A 179 33.06 -10.30 12.02
N ASP A 180 33.46 -9.17 11.46
CA ASP A 180 33.53 -9.03 10.00
C ASP A 180 34.90 -9.45 9.52
N HIS A 181 34.97 -10.68 8.97
CA HIS A 181 36.23 -11.31 8.58
C HIS A 181 36.79 -10.72 7.30
N LYS A 182 35.97 -10.01 6.56
CA LYS A 182 36.43 -9.39 5.31
C LYS A 182 36.62 -7.91 5.49
N ALA A 183 36.62 -7.45 6.73
CA ALA A 183 36.98 -6.07 7.03
C ALA A 183 37.84 -6.07 8.27
N GLY A 184 38.80 -6.98 8.27
CA GLY A 184 39.87 -6.94 9.25
C GLY A 184 39.47 -7.46 10.61
N GLY A 185 38.22 -7.85 10.78
CA GLY A 185 37.80 -8.39 12.06
C GLY A 185 36.95 -7.48 12.92
N ARG A 186 36.59 -6.31 12.38
CA ARG A 186 35.68 -5.38 13.05
C ARG A 186 34.45 -6.07 13.59
N HIS A 187 34.07 -5.78 14.83
CA HIS A 187 32.78 -6.21 15.31
C HIS A 187 31.71 -5.31 14.69
N VAL A 188 30.60 -5.91 14.29
CA VAL A 188 29.44 -5.19 13.78
C VAL A 188 28.18 -5.78 14.39
N ALA A 189 27.06 -5.08 14.23
CA ALA A 189 25.79 -5.64 14.66
C ALA A 189 25.04 -6.10 13.43
N VAL A 190 24.40 -7.26 13.52
CA VAL A 190 23.69 -7.75 12.34
C VAL A 190 22.28 -8.05 12.71
N LYS A 191 21.36 -7.50 11.93
CA LYS A 191 19.93 -7.65 12.14
C LYS A 191 19.38 -8.72 11.21
N ILE A 192 19.07 -9.88 11.77
CA ILE A 192 18.55 -10.98 10.96
C ILE A 192 17.03 -10.93 11.04
N VAL A 193 16.35 -10.78 9.90
CA VAL A 193 14.89 -10.61 9.94
C VAL A 193 14.18 -11.90 9.58
N LYS A 194 13.28 -12.36 10.46
CA LYS A 194 12.47 -13.53 10.20
C LYS A 194 11.89 -13.50 8.81
N ASN A 195 11.72 -14.69 8.24
CA ASN A 195 11.25 -14.81 6.87
C ASN A 195 9.73 -14.87 6.80
N VAL A 196 9.10 -13.83 7.29
CA VAL A 196 7.65 -13.66 7.19
C VAL A 196 7.45 -12.37 6.43
N ASP A 197 6.59 -12.35 5.41
CA ASP A 197 6.61 -11.20 4.50
C ASP A 197 6.35 -9.89 5.21
N ARG A 198 5.46 -9.92 6.19
CA ARG A 198 5.21 -8.75 7.03
C ARG A 198 6.53 -8.13 7.44
N TYR A 199 7.41 -8.93 8.03
CA TYR A 199 8.68 -8.38 8.47
C TYR A 199 9.62 -8.17 7.29
N CYS A 200 9.43 -8.92 6.22
CA CYS A 200 10.32 -8.80 5.08
C CYS A 200 10.15 -7.48 4.35
N GLU A 201 8.96 -6.90 4.32
CA GLU A 201 8.90 -5.66 3.57
C GLU A 201 9.12 -4.44 4.46
N ALA A 202 8.73 -4.51 5.73
CA ALA A 202 9.27 -3.59 6.74
C ALA A 202 10.77 -3.40 6.57
N ALA A 203 11.50 -4.52 6.58
CA ALA A 203 12.95 -4.53 6.38
C ALA A 203 13.37 -3.84 5.09
N ARG A 204 12.60 -4.04 4.03
CA ARG A 204 12.97 -3.49 2.73
C ARG A 204 12.77 -1.98 2.71
N SER A 205 11.71 -1.54 3.37
CA SER A 205 11.46 -0.12 3.52
C SER A 205 12.61 0.48 4.31
N GLU A 206 12.89 -0.14 5.45
CA GLU A 206 13.95 0.27 6.36
C GLU A 206 15.28 0.46 5.62
N ILE A 207 15.56 -0.40 4.64
CA ILE A 207 16.81 -0.34 3.91
C ILE A 207 16.86 0.92 3.06
N GLN A 208 15.73 1.30 2.45
CA GLN A 208 15.71 2.53 1.66
C GLN A 208 15.70 3.78 2.52
N VAL A 209 15.03 3.73 3.66
CA VAL A 209 15.17 4.83 4.61
C VAL A 209 16.63 4.95 5.02
N LEU A 210 17.24 3.83 5.41
CA LEU A 210 18.59 3.85 5.93
C LEU A 210 19.56 4.35 4.89
N GLU A 211 19.28 4.07 3.62
CA GLU A 211 20.16 4.48 2.54
C GLU A 211 20.04 5.98 2.28
N HIS A 212 18.83 6.48 2.40
CA HIS A 212 18.57 7.91 2.29
C HIS A 212 19.37 8.74 3.32
N LEU A 213 19.14 8.47 4.61
CA LEU A 213 19.80 9.21 5.67
C LEU A 213 21.29 9.09 5.60
N ASN A 214 21.74 7.91 5.20
CA ASN A 214 23.16 7.61 5.20
C ASN A 214 23.87 8.43 4.14
N THR A 215 23.24 8.63 2.99
CA THR A 215 23.83 9.53 2.01
C THR A 215 23.62 11.02 2.39
N THR A 216 22.43 11.40 2.87
CA THR A 216 22.18 12.79 3.28
C THR A 216 23.09 13.24 4.43
N ASP A 217 23.36 12.32 5.36
CA ASP A 217 24.16 12.64 6.57
C ASP A 217 25.23 11.57 6.83
N PRO A 218 26.17 11.41 5.88
CA PRO A 218 27.22 10.37 5.94
C PRO A 218 28.18 10.50 7.12
N ASN A 219 28.03 11.59 7.86
CA ASN A 219 28.89 11.82 9.01
C ASN A 219 28.26 11.30 10.27
N SER A 220 27.00 10.91 10.18
CA SER A 220 26.23 10.54 11.35
C SER A 220 26.15 11.73 12.30
N THR A 221 26.29 12.93 11.72
CA THR A 221 26.18 14.21 12.44
C THR A 221 24.93 14.25 13.31
N PHE A 222 23.83 13.81 12.73
CA PHE A 222 22.54 13.82 13.39
C PHE A 222 22.20 12.52 14.10
N ARG A 223 23.21 11.65 14.22
CA ARG A 223 23.17 10.52 15.14
C ARG A 223 22.09 9.50 14.84
N CYS A 224 21.90 9.20 13.57
CA CYS A 224 21.05 8.08 13.21
C CYS A 224 21.98 6.94 12.85
N VAL A 225 21.63 5.75 13.30
CA VAL A 225 22.48 4.57 13.19
C VAL A 225 22.95 4.39 11.76
N GLN A 226 24.18 3.91 11.60
CA GLN A 226 24.75 3.74 10.27
C GLN A 226 24.65 2.29 9.79
N MET A 227 24.03 2.12 8.64
CA MET A 227 23.97 0.84 7.96
C MET A 227 25.21 0.61 7.08
N LEU A 228 25.90 -0.50 7.29
CA LEU A 228 27.14 -0.79 6.57
C LEU A 228 26.91 -1.58 5.28
N GLU A 229 25.91 -2.45 5.31
CA GLU A 229 25.48 -3.17 4.13
C GLU A 229 24.24 -3.95 4.49
N TRP A 230 23.68 -4.64 3.49
CA TRP A 230 22.72 -5.71 3.77
C TRP A 230 22.96 -6.90 2.85
N PHE A 231 22.40 -8.06 3.21
CA PHE A 231 22.45 -9.22 2.33
C PHE A 231 21.27 -10.14 2.61
N GLU A 232 21.12 -11.18 1.80
CA GLU A 232 20.14 -12.24 2.11
C GLU A 232 20.90 -13.48 2.55
N HIS A 233 20.28 -14.24 3.44
CA HIS A 233 20.89 -15.46 3.91
C HIS A 233 19.84 -16.50 4.16
N HIS A 234 19.77 -17.48 3.25
CA HIS A 234 18.74 -18.50 3.21
C HIS A 234 17.32 -17.91 3.38
N GLY A 235 17.04 -16.84 2.64
CA GLY A 235 15.70 -16.27 2.61
C GLY A 235 15.44 -15.24 3.69
N HIS A 236 16.37 -15.15 4.62
CA HIS A 236 16.30 -14.16 5.68
C HIS A 236 17.02 -12.90 5.27
N ILE A 237 16.41 -11.74 5.52
CA ILE A 237 17.10 -10.51 5.19
C ILE A 237 17.96 -10.10 6.36
N CYS A 238 19.18 -9.69 6.06
CA CYS A 238 20.12 -9.32 7.10
C CYS A 238 20.64 -7.91 6.88
N ILE A 239 20.55 -7.06 7.89
CA ILE A 239 21.07 -5.69 7.76
C ILE A 239 22.24 -5.49 8.71
N VAL A 240 23.37 -5.05 8.19
CA VAL A 240 24.58 -4.86 9.00
C VAL A 240 24.74 -3.40 9.47
N PHE A 241 24.84 -3.22 10.78
CA PHE A 241 24.97 -1.87 11.37
C PHE A 241 26.30 -1.69 12.07
N GLU A 242 26.70 -0.43 12.24
CA GLU A 242 27.79 -0.13 13.18
C GLU A 242 27.44 -0.72 14.53
N LEU A 243 28.41 -1.28 15.23
CA LEU A 243 28.17 -1.79 16.57
C LEU A 243 28.18 -0.68 17.65
N LEU A 244 27.12 -0.66 18.46
CA LEU A 244 26.88 0.33 19.51
C LEU A 244 26.79 -0.32 20.90
N GLY A 245 26.42 0.46 21.91
CA GLY A 245 26.31 -0.02 23.29
C GLY A 245 24.94 -0.57 23.64
N LEU A 246 24.62 -0.59 24.93
CA LEU A 246 23.28 -0.98 25.38
C LEU A 246 22.22 0.05 25.03
N SER A 247 21.00 -0.43 24.89
CA SER A 247 19.84 0.43 24.82
C SER A 247 19.76 1.25 26.11
N THR A 248 19.07 2.40 26.06
CA THR A 248 18.85 3.16 27.27
C THR A 248 17.88 2.39 28.15
N TYR A 249 16.87 1.77 27.55
CA TYR A 249 16.02 0.86 28.31
C TYR A 249 16.81 -0.25 29.02
N ASP A 250 17.69 -0.93 28.27
CA ASP A 250 18.49 -2.01 28.86
C ASP A 250 19.39 -1.52 29.98
N PHE A 251 20.07 -0.39 29.75
CA PHE A 251 20.94 0.19 30.77
C PHE A 251 20.18 0.49 32.08
N ILE A 252 19.08 1.21 31.97
CA ILE A 252 18.20 1.40 33.12
C ILE A 252 17.78 0.05 33.73
N LYS A 253 17.35 -0.89 32.88
CA LYS A 253 16.93 -2.23 33.29
C LYS A 253 17.94 -2.95 34.17
N GLU A 254 19.22 -2.79 33.84
CA GLU A 254 20.24 -3.47 34.59
C GLU A 254 20.80 -2.62 35.68
N ASN A 255 20.13 -1.50 35.95
CA ASN A 255 20.60 -0.62 37.01
C ASN A 255 19.53 -0.54 38.09
N GLY A 256 18.73 -1.60 38.17
CA GLY A 256 17.68 -1.69 39.18
C GLY A 256 16.53 -0.78 38.82
N PHE A 257 16.53 -0.31 37.58
CA PHE A 257 15.56 0.67 37.08
C PHE A 257 15.68 1.98 37.83
N LEU A 258 16.87 2.24 38.38
CA LEU A 258 17.27 3.59 38.73
C LEU A 258 17.09 4.50 37.51
N PRO A 259 16.78 5.77 37.75
CA PRO A 259 16.66 6.73 36.65
C PRO A 259 18.00 7.34 36.28
N PHE A 260 18.00 8.25 35.30
CA PHE A 260 19.22 8.98 34.93
C PHE A 260 19.35 10.30 35.67
N ARG A 261 20.58 10.67 35.97
CA ARG A 261 20.92 11.96 36.59
C ARG A 261 20.56 13.08 35.62
N LEU A 262 19.88 14.13 36.11
CA LEU A 262 19.24 15.10 35.21
C LEU A 262 20.19 15.68 34.14
N ASP A 263 21.45 15.86 34.51
CA ASP A 263 22.46 16.39 33.59
C ASP A 263 22.76 15.43 32.40
N HIS A 264 22.66 14.12 32.64
CA HIS A 264 22.68 13.13 31.56
C HIS A 264 21.39 13.16 30.72
N ILE A 265 20.24 13.17 31.39
CA ILE A 265 18.97 13.32 30.68
C ILE A 265 19.01 14.49 29.71
N ARG A 266 19.56 15.63 30.16
CA ARG A 266 19.64 16.81 29.30
C ARG A 266 20.42 16.55 28.00
N LYS A 267 21.66 16.09 28.11
CA LYS A 267 22.42 15.72 26.91
C LYS A 267 21.71 14.66 26.06
N MET A 268 21.05 13.69 26.69
CA MET A 268 20.36 12.67 25.89
C MET A 268 19.19 13.31 25.17
N ALA A 269 18.45 14.12 25.92
CA ALA A 269 17.25 14.78 25.42
C ALA A 269 17.60 15.65 24.24
N TYR A 270 18.71 16.33 24.36
CA TYR A 270 19.15 17.19 23.28
C TYR A 270 19.43 16.40 22.00
N GLN A 271 20.19 15.32 22.12
CA GLN A 271 20.58 14.54 20.95
C GLN A 271 19.40 13.83 20.29
N ILE A 272 18.47 13.31 21.10
CA ILE A 272 17.32 12.65 20.52
C ILE A 272 16.53 13.66 19.71
N CYS A 273 16.21 14.79 20.35
CA CYS A 273 15.50 15.90 19.73
C CYS A 273 16.17 16.36 18.43
N LYS A 274 17.48 16.52 18.50
CA LYS A 274 18.24 16.94 17.32
C LYS A 274 18.19 15.88 16.21
N SER A 275 18.43 14.61 16.57
CA SER A 275 18.35 13.50 15.62
C SER A 275 17.01 13.31 14.94
N VAL A 276 15.94 13.25 15.73
CA VAL A 276 14.61 13.11 15.14
C VAL A 276 14.22 14.35 14.32
N ASN A 277 14.63 15.54 14.76
CA ASN A 277 14.29 16.73 14.00
C ASN A 277 14.90 16.65 12.60
N PHE A 278 16.12 16.15 12.50
CA PHE A 278 16.69 15.76 11.19
C PHE A 278 15.73 14.90 10.34
N LEU A 279 15.26 13.79 10.90
CA LEU A 279 14.29 12.95 10.19
C LEU A 279 13.11 13.76 9.74
N HIS A 280 12.62 14.56 10.69
CA HIS A 280 11.53 15.49 10.45
C HIS A 280 11.81 16.46 9.31
N SER A 281 13.02 17.04 9.28
CA SER A 281 13.48 17.89 8.18
C SER A 281 13.38 17.23 6.81
N ASN A 282 13.53 15.89 6.78
CA ASN A 282 13.54 15.12 5.55
C ASN A 282 12.21 14.41 5.29
N LYS A 283 11.11 15.00 5.77
CA LYS A 283 9.79 14.53 5.43
C LYS A 283 9.51 13.13 5.99
N LEU A 284 10.26 12.78 7.04
CA LEU A 284 10.14 11.47 7.68
C LEU A 284 9.56 11.53 9.10
N THR A 285 8.75 10.54 9.44
CA THR A 285 8.27 10.34 10.81
C THR A 285 8.83 8.98 11.26
N HIS A 286 9.33 8.89 12.50
CA HIS A 286 9.87 7.63 13.02
C HIS A 286 8.74 6.69 13.48
N THR A 287 7.73 7.26 14.14
CA THR A 287 6.54 6.51 14.61
C THR A 287 6.81 5.47 15.70
N ASP A 288 8.07 5.15 15.93
CA ASP A 288 8.42 3.99 16.75
C ASP A 288 9.49 4.38 17.79
N LEU A 289 9.43 5.61 18.24
CA LEU A 289 10.42 6.04 19.19
C LEU A 289 10.10 5.49 20.57
N LYS A 290 11.14 4.99 21.23
CA LYS A 290 10.99 4.39 22.54
C LYS A 290 12.40 4.27 23.14
N PRO A 291 12.51 4.11 24.47
CA PRO A 291 13.82 3.97 25.12
C PRO A 291 14.65 2.82 24.56
N GLU A 292 14.01 1.83 23.95
CA GLU A 292 14.72 0.67 23.44
C GLU A 292 15.36 0.97 22.08
N ASN A 293 14.88 2.01 21.39
CA ASN A 293 15.41 2.43 20.09
C ASN A 293 16.46 3.52 20.18
N ILE A 294 16.88 3.81 21.41
CA ILE A 294 17.92 4.79 21.67
C ILE A 294 19.03 4.07 22.36
N LEU A 295 20.21 4.06 21.75
CA LEU A 295 21.28 3.27 22.29
C LEU A 295 22.43 4.17 22.63
N PHE A 296 23.12 3.88 23.72
CA PHE A 296 24.36 4.58 24.00
C PHE A 296 25.40 4.12 23.00
N VAL A 297 26.32 5.01 22.63
CA VAL A 297 27.45 4.65 21.80
C VAL A 297 28.47 3.77 22.56
N GLN A 298 28.92 4.26 23.73
CA GLN A 298 29.62 3.41 24.70
C GLN A 298 28.81 3.41 26.00
N SER A 299 28.53 2.23 26.57
CA SER A 299 27.69 2.16 27.75
C SER A 299 28.46 1.69 28.96
N ASP A 300 29.74 2.01 28.99
CA ASP A 300 30.55 1.70 30.16
C ASP A 300 30.06 2.54 31.32
N TYR A 301 30.23 2.02 32.54
CA TYR A 301 29.74 2.68 33.74
C TYR A 301 30.68 2.46 34.93
N THR A 302 30.69 3.41 35.87
CA THR A 302 31.33 3.20 37.16
C THR A 302 30.25 2.79 38.16
N GLU A 303 30.64 2.23 39.31
CA GLU A 303 29.68 1.89 40.35
C GLU A 303 30.28 1.72 41.75
N GLU A 313 25.14 0.83 42.10
CA GLU A 313 24.56 2.07 41.56
C GLU A 313 25.41 2.62 40.42
N ARG A 314 25.18 2.10 39.21
CA ARG A 314 26.03 2.37 38.05
C ARG A 314 25.90 3.76 37.47
N THR A 315 27.06 4.39 37.24
CA THR A 315 27.09 5.74 36.67
C THR A 315 27.64 5.72 35.26
N LEU A 316 26.81 6.13 34.31
CA LEU A 316 27.19 6.04 32.92
C LEU A 316 28.28 7.06 32.62
N ILE A 317 29.33 6.61 31.94
CA ILE A 317 30.48 7.46 31.61
C ILE A 317 30.18 8.46 30.50
N ASN A 318 29.69 7.94 29.37
CA ASN A 318 29.53 8.71 28.15
C ASN A 318 28.12 8.55 27.59
N PRO A 319 27.27 9.56 27.82
CA PRO A 319 25.83 9.50 27.52
C PRO A 319 25.47 9.73 26.06
N ASP A 320 26.48 9.85 25.19
CA ASP A 320 26.27 9.87 23.73
C ASP A 320 25.30 8.79 23.27
N ILE A 321 24.36 9.16 22.40
CA ILE A 321 23.44 8.16 21.90
C ILE A 321 23.26 8.17 20.40
N LYS A 322 22.60 7.14 19.90
CA LYS A 322 22.13 7.09 18.54
C LYS A 322 20.73 6.50 18.52
N VAL A 323 19.98 6.82 17.46
CA VAL A 323 18.59 6.43 17.25
C VAL A 323 18.54 5.32 16.20
N VAL A 324 17.81 4.23 16.45
CA VAL A 324 18.03 3.05 15.58
C VAL A 324 16.87 2.57 14.67
N ASP A 325 15.83 1.92 15.19
CA ASP A 325 14.89 1.17 14.34
C ASP A 325 14.14 2.03 13.32
N PHE A 326 14.42 1.85 12.03
CA PHE A 326 13.69 2.60 11.00
C PHE A 326 12.74 1.73 10.18
N GLY A 327 12.38 0.56 10.70
CA GLY A 327 11.44 -0.29 10.00
C GLY A 327 10.07 0.31 9.75
N SER A 328 9.66 1.25 10.61
CA SER A 328 8.31 1.84 10.64
C SER A 328 8.27 3.26 10.08
N ALA A 329 9.46 3.84 9.88
CA ALA A 329 9.57 5.21 9.42
C ALA A 329 8.84 5.37 8.11
N THR A 330 8.04 6.43 8.01
CA THR A 330 7.20 6.73 6.87
C THR A 330 7.46 8.13 6.32
N TYR A 331 7.42 8.26 4.99
CA TYR A 331 7.53 9.55 4.34
C TYR A 331 6.18 10.23 4.33
N ASP A 332 6.18 11.54 4.07
CA ASP A 332 4.92 12.28 3.93
C ASP A 332 4.25 11.81 2.65
N ASP A 333 5.09 11.44 1.69
CA ASP A 333 4.64 11.00 0.38
C ASP A 333 4.01 9.61 0.46
N GLU A 334 3.77 9.09 1.65
CA GLU A 334 3.31 7.72 1.75
C GLU A 334 2.05 7.57 2.56
N HIS A 335 1.40 6.42 2.36
CA HIS A 335 0.14 6.07 3.02
C HIS A 335 0.36 5.89 4.51
N HIS A 336 -0.50 6.50 5.32
CA HIS A 336 -0.27 6.50 6.75
C HIS A 336 -0.99 5.38 7.48
N SER A 337 -0.15 4.44 7.91
CA SER A 337 -0.50 3.17 8.55
C SER A 337 -1.38 3.26 9.79
N THR A 338 -1.56 2.08 10.40
CA THR A 338 -1.95 1.94 11.80
C THR A 338 -1.33 0.62 12.32
N LEU A 339 -0.15 0.68 12.94
CA LEU A 339 0.56 -0.56 13.28
C LEU A 339 0.39 -0.71 14.81
N VAL A 340 1.19 -1.54 15.47
CA VAL A 340 1.00 -1.75 16.91
C VAL A 340 2.20 -2.37 17.60
N ARG A 343 4.61 0.90 21.13
CA ARG A 343 3.15 0.92 21.22
C ARG A 343 2.68 1.39 22.58
N HIS A 344 3.59 1.40 23.56
CA HIS A 344 3.28 1.95 24.88
C HIS A 344 3.51 3.46 24.88
N TYR A 345 3.73 4.02 23.69
CA TYR A 345 4.07 5.43 23.55
C TYR A 345 3.32 6.07 22.40
N ARG A 346 2.19 5.50 22.01
CA ARG A 346 1.40 6.09 20.94
C ARG A 346 0.78 7.44 21.36
N ALA A 347 0.91 8.43 20.49
CA ALA A 347 0.24 9.71 20.64
C ALA A 347 -1.27 9.55 20.71
N PRO A 348 -1.99 10.58 21.18
CA PRO A 348 -3.43 10.38 21.24
C PRO A 348 -4.06 10.49 19.85
N GLU A 349 -3.51 11.33 19.00
CA GLU A 349 -4.02 11.44 17.64
C GLU A 349 -3.82 10.13 16.88
N VAL A 350 -3.10 9.18 17.48
CA VAL A 350 -2.87 7.88 16.86
C VAL A 350 -3.89 6.85 17.34
N ILE A 351 -4.15 6.81 18.65
CA ILE A 351 -5.16 5.89 19.18
C ILE A 351 -6.52 6.22 18.56
N LEU A 352 -6.83 7.52 18.49
CA LEU A 352 -8.15 7.97 18.04
C LEU A 352 -8.32 7.95 16.53
N ALA A 353 -7.41 7.31 15.81
CA ALA A 353 -7.44 7.26 14.35
C ALA A 353 -7.75 8.61 13.71
N LEU A 354 -6.93 9.63 14.01
CA LEU A 354 -7.17 10.99 13.54
C LEU A 354 -6.10 11.54 12.60
N GLY A 355 -5.19 10.68 12.15
CA GLY A 355 -4.08 11.11 11.31
C GLY A 355 -2.84 11.45 12.14
N TRP A 356 -1.66 11.07 11.64
CA TRP A 356 -0.43 11.41 12.31
C TRP A 356 0.61 11.89 11.34
N SER A 357 1.72 12.37 11.87
CA SER A 357 2.84 12.89 11.12
C SER A 357 3.89 13.22 12.15
N GLN A 358 4.80 14.14 11.85
CA GLN A 358 5.88 14.48 12.76
C GLN A 358 5.44 14.71 14.22
N PRO A 359 4.29 15.35 14.45
CA PRO A 359 4.01 15.64 15.86
C PRO A 359 3.85 14.42 16.76
N CYS A 360 3.59 13.24 16.21
CA CYS A 360 3.50 12.06 17.06
C CYS A 360 4.88 11.55 17.53
N ASP A 361 5.96 11.93 16.85
CA ASP A 361 7.30 11.60 17.34
C ASP A 361 7.59 12.32 18.65
N VAL A 362 7.27 13.61 18.65
CA VAL A 362 7.33 14.49 19.82
C VAL A 362 6.61 13.91 21.03
N TRP A 363 5.41 13.36 20.81
CA TRP A 363 4.73 12.70 21.91
C TRP A 363 5.61 11.62 22.55
N SER A 364 6.18 10.74 21.73
CA SER A 364 7.01 9.67 22.26
C SER A 364 8.17 10.24 23.07
N ILE A 365 8.81 11.27 22.52
CA ILE A 365 9.96 11.87 23.19
C ILE A 365 9.61 12.38 24.59
N GLY A 366 8.40 12.92 24.75
CA GLY A 366 7.92 13.27 26.08
C GLY A 366 7.85 12.07 27.02
N CYS A 367 7.24 11.00 26.53
CA CYS A 367 7.16 9.76 27.30
C CYS A 367 8.51 9.17 27.62
N ILE A 368 9.43 9.32 26.68
CA ILE A 368 10.78 8.80 26.90
C ILE A 368 11.44 9.60 28.01
N LEU A 369 11.24 10.92 28.02
CA LEU A 369 11.94 11.75 29.01
C LEU A 369 11.34 11.60 30.42
N ILE A 370 10.06 11.29 30.52
CA ILE A 370 9.51 10.97 31.83
C ILE A 370 10.18 9.73 32.37
N GLU A 371 10.35 8.73 31.51
CA GLU A 371 10.98 7.47 31.90
C GLU A 371 12.43 7.58 32.33
N TYR A 372 13.24 8.33 31.59
CA TYR A 372 14.62 8.58 32.05
C TYR A 372 14.63 9.22 33.42
N TYR A 373 13.64 10.08 33.67
CA TYR A 373 13.55 10.82 34.92
C TYR A 373 13.14 9.93 36.08
N LEU A 374 12.07 9.16 35.91
CA LEU A 374 11.57 8.31 36.98
C LEU A 374 12.25 6.93 37.10
N GLY A 375 12.64 6.35 35.96
CA GLY A 375 13.18 5.00 35.96
C GLY A 375 12.12 3.96 35.60
N PHE A 376 10.89 4.44 35.46
CA PHE A 376 9.78 3.61 35.01
C PHE A 376 8.89 4.42 34.06
N THR A 377 7.97 3.74 33.40
CA THR A 377 7.06 4.38 32.46
C THR A 377 5.82 4.85 33.20
N VAL A 378 5.04 5.72 32.58
CA VAL A 378 3.81 6.13 33.25
C VAL A 378 2.60 5.76 32.40
N PHE A 379 2.84 5.16 31.25
CA PHE A 379 1.76 4.55 30.47
C PHE A 379 2.02 3.05 30.27
N PRO A 380 1.98 2.28 31.38
CA PRO A 380 2.32 0.85 31.34
C PRO A 380 1.13 -0.06 31.02
N THR A 381 0.62 0.00 29.79
CA THR A 381 -0.49 -0.87 29.39
C THR A 381 -0.60 -0.94 27.88
N HIS A 382 -0.69 -2.15 27.33
CA HIS A 382 -0.91 -2.31 25.89
C HIS A 382 -2.41 -2.45 25.61
N ASP A 383 -3.17 -1.56 26.24
CA ASP A 383 -4.63 -1.50 26.15
C ASP A 383 -5.05 -0.06 25.85
N SER A 384 -5.85 0.13 24.81
CA SER A 384 -6.18 1.47 24.34
C SER A 384 -7.01 2.28 25.33
N LYS A 385 -7.94 1.60 26.00
CA LYS A 385 -8.83 2.26 26.95
C LYS A 385 -8.08 2.68 28.21
N GLU A 386 -7.42 1.69 28.82
CA GLU A 386 -6.56 1.92 29.98
C GLU A 386 -5.66 3.12 29.74
N HIS A 387 -5.00 3.12 28.57
CA HIS A 387 -4.10 4.20 28.20
C HIS A 387 -4.81 5.53 28.17
N LEU A 388 -5.92 5.60 27.45
CA LEU A 388 -6.66 6.83 27.30
C LEU A 388 -7.01 7.43 28.67
N ALA A 389 -7.28 6.56 29.62
CA ALA A 389 -7.63 6.98 30.98
C ALA A 389 -6.39 7.41 31.76
N MET A 390 -5.28 6.69 31.57
CA MET A 390 -4.02 7.12 32.16
C MET A 390 -3.67 8.52 31.68
N MET A 391 -3.73 8.71 30.36
CA MET A 391 -3.51 10.01 29.73
C MET A 391 -4.22 11.15 30.44
N GLU A 392 -5.49 10.91 30.75
CA GLU A 392 -6.32 11.94 31.35
C GLU A 392 -6.08 12.16 32.84
N ARG A 393 -5.68 11.12 33.56
CA ARG A 393 -5.31 11.34 34.94
C ARG A 393 -4.02 12.16 35.05
N ILE A 394 -3.11 11.95 34.10
CA ILE A 394 -1.82 12.64 34.13
C ILE A 394 -1.88 14.01 33.45
N LEU A 395 -2.52 14.06 32.28
CA LEU A 395 -2.50 15.27 31.47
C LEU A 395 -3.77 16.09 31.57
N GLY A 396 -4.80 15.53 32.16
CA GLY A 396 -6.07 16.22 32.26
C GLY A 396 -6.95 15.91 31.06
N PRO A 397 -8.14 16.53 31.02
CA PRO A 397 -9.25 16.21 30.11
C PRO A 397 -8.86 16.17 28.64
N LEU A 398 -9.37 15.19 27.91
CA LEU A 398 -9.22 15.19 26.46
C LEU A 398 -9.99 16.37 25.85
N PRO A 399 -9.39 17.03 24.85
CA PRO A 399 -10.11 18.10 24.15
C PRO A 399 -11.44 17.62 23.54
N LYS A 400 -12.52 18.40 23.68
CA LYS A 400 -13.85 17.98 23.27
C LYS A 400 -13.89 17.58 21.79
N HIS A 401 -13.36 18.47 20.94
CA HIS A 401 -13.45 18.30 19.50
C HIS A 401 -12.86 16.98 19.01
N MET A 402 -11.72 16.59 19.57
CA MET A 402 -11.05 15.36 19.13
C MET A 402 -11.91 14.15 19.45
N ILE A 403 -12.58 14.18 20.59
CA ILE A 403 -13.51 13.11 20.97
C ILE A 403 -14.65 13.03 19.97
N GLN A 404 -15.07 14.18 19.47
CA GLN A 404 -16.22 14.23 18.59
C GLN A 404 -15.87 13.81 17.15
N LYS A 405 -14.73 14.29 16.62
CA LYS A 405 -14.36 13.99 15.23
C LYS A 405 -13.57 12.69 15.07
N THR A 406 -13.80 11.72 15.95
CA THR A 406 -13.06 10.47 15.91
C THR A 406 -13.87 9.34 15.31
N ARG A 407 -13.28 8.65 14.33
CA ARG A 407 -13.91 7.49 13.71
C ARG A 407 -14.09 6.35 14.73
N LYS A 408 -13.05 6.06 15.49
CA LYS A 408 -13.08 5.01 16.52
C LYS A 408 -13.86 5.49 17.75
N ARG A 409 -15.06 6.01 17.53
CA ARG A 409 -15.85 6.59 18.62
C ARG A 409 -16.53 5.51 19.46
N LYS A 410 -15.85 4.38 19.64
CA LYS A 410 -16.40 3.26 20.41
C LYS A 410 -16.51 3.61 21.90
N TYR A 411 -15.40 3.88 22.57
CA TYR A 411 -15.44 4.16 24.00
C TYR A 411 -15.63 5.66 24.29
N PHE A 412 -16.33 6.35 23.41
CA PHE A 412 -16.66 7.76 23.62
C PHE A 412 -18.17 7.94 23.83
N HIS A 413 -18.62 7.74 25.07
CA HIS A 413 -20.04 7.83 25.41
C HIS A 413 -20.38 9.24 25.83
N HIS A 414 -21.52 9.74 25.37
CA HIS A 414 -22.00 11.09 25.68
C HIS A 414 -20.90 12.14 25.56
N ASP A 415 -20.03 11.96 24.56
CA ASP A 415 -18.86 12.80 24.30
C ASP A 415 -17.83 12.76 25.45
N ARG A 416 -17.95 11.77 26.32
CA ARG A 416 -16.99 11.60 27.40
C ARG A 416 -16.27 10.27 27.25
N LEU A 417 -15.19 10.10 28.00
CA LEU A 417 -14.46 8.84 27.97
C LEU A 417 -15.26 7.79 28.71
N ASP A 418 -15.70 6.76 27.98
CA ASP A 418 -16.53 5.72 28.55
C ASP A 418 -15.70 4.70 29.33
N TRP A 419 -15.05 5.19 30.38
CA TRP A 419 -14.22 4.37 31.25
C TRP A 419 -14.83 4.38 32.64
N ASP A 420 -14.72 3.25 33.33
CA ASP A 420 -15.29 3.11 34.66
C ASP A 420 -14.29 3.45 35.76
N GLU A 421 -14.32 4.69 36.23
CA GLU A 421 -13.52 5.11 37.38
C GLU A 421 -13.86 4.21 38.57
N HIS A 422 -15.06 3.62 38.54
CA HIS A 422 -15.58 2.84 39.66
C HIS A 422 -15.21 1.35 39.65
N SER A 423 -14.70 0.84 38.53
CA SER A 423 -14.32 -0.57 38.40
C SER A 423 -12.95 -0.88 39.02
N SER A 424 -12.76 -2.13 39.42
CA SER A 424 -11.49 -2.60 40.00
C SER A 424 -10.32 -2.13 39.12
N ALA A 425 -10.48 -2.31 37.81
CA ALA A 425 -9.47 -1.87 36.84
C ALA A 425 -9.27 -0.34 36.90
N GLY A 426 -10.35 0.39 37.15
CA GLY A 426 -10.28 1.83 37.34
C GLY A 426 -9.32 2.20 38.46
N ARG A 427 -9.43 1.48 39.57
CA ARG A 427 -8.58 1.73 40.74
C ARG A 427 -7.12 1.46 40.43
N TYR A 428 -6.87 0.54 39.50
CA TYR A 428 -5.51 0.29 39.02
C TYR A 428 -4.97 1.50 38.28
N VAL A 429 -5.83 2.17 37.53
CA VAL A 429 -5.45 3.38 36.79
C VAL A 429 -5.23 4.58 37.70
N SER A 430 -6.03 4.65 38.76
CA SER A 430 -5.98 5.77 39.69
C SER A 430 -4.90 5.57 40.75
N ARG A 431 -4.68 4.31 41.12
CA ARG A 431 -3.71 4.00 42.15
C ARG A 431 -2.27 4.21 41.74
N ALA A 432 -2.03 4.31 40.43
CA ALA A 432 -0.66 4.40 39.93
C ALA A 432 -0.47 5.44 38.82
N CYS A 433 -1.27 6.50 38.86
CA CYS A 433 -1.11 7.66 37.97
C CYS A 433 -1.58 8.92 38.68
N LYS A 434 -0.79 9.97 38.57
CA LYS A 434 -1.18 11.27 39.11
C LYS A 434 -0.98 12.33 38.04
N PRO A 435 -1.45 13.57 38.28
CA PRO A 435 -1.12 14.63 37.31
C PRO A 435 0.39 14.79 37.13
N LEU A 436 0.78 15.04 35.89
CA LEU A 436 2.18 15.08 35.46
C LEU A 436 3.11 15.74 36.49
N LYS A 437 2.82 16.99 36.83
CA LYS A 437 3.70 17.82 37.66
C LYS A 437 3.91 17.28 39.08
N GLU A 438 3.08 16.30 39.45
CA GLU A 438 3.23 15.61 40.72
C GLU A 438 4.29 14.52 40.70
N PHE A 439 4.90 14.28 39.53
CA PHE A 439 5.93 13.26 39.43
C PHE A 439 7.33 13.80 39.76
N MET A 440 7.43 15.10 39.96
CA MET A 440 8.71 15.75 40.25
C MET A 440 9.29 15.26 41.57
N LEU A 441 10.60 15.33 41.70
CA LEU A 441 11.29 14.76 42.86
C LEU A 441 12.14 15.83 43.47
N SER A 442 12.18 16.95 42.75
CA SER A 442 12.77 18.19 43.23
C SER A 442 11.99 19.33 42.61
N GLN A 443 12.02 20.49 43.25
CA GLN A 443 11.39 21.67 42.66
C GLN A 443 12.43 22.73 42.37
N ASP A 444 13.67 22.30 42.36
CA ASP A 444 14.79 23.05 41.82
C ASP A 444 14.48 23.54 40.40
N VAL A 445 15.08 24.66 40.03
CA VAL A 445 14.70 25.33 38.78
C VAL A 445 14.82 24.41 37.56
N GLU A 446 15.93 23.68 37.44
CA GLU A 446 16.18 22.93 36.22
C GLU A 446 15.33 21.65 36.10
N HIS A 447 14.96 21.05 37.22
CA HIS A 447 13.90 20.04 37.22
C HIS A 447 12.62 20.54 36.55
N GLU A 448 12.30 21.80 36.81
CA GLU A 448 11.05 22.40 36.36
C GLU A 448 11.06 22.89 34.91
N ARG A 449 12.21 23.41 34.46
CA ARG A 449 12.36 23.71 33.03
C ARG A 449 12.06 22.47 32.23
N LEU A 450 12.60 21.34 32.70
CA LEU A 450 12.36 20.05 32.10
C LEU A 450 10.89 19.76 32.00
N PHE A 451 10.18 19.82 33.12
CA PHE A 451 8.76 19.47 33.09
C PHE A 451 7.94 20.42 32.27
N ASP A 452 8.41 21.66 32.14
CA ASP A 452 7.81 22.58 31.19
C ASP A 452 7.87 21.98 29.79
N LEU A 453 9.07 21.56 29.40
CA LEU A 453 9.30 20.94 28.11
C LEU A 453 8.44 19.71 27.91
N ILE A 454 8.41 18.85 28.93
CA ILE A 454 7.65 17.60 28.82
C ILE A 454 6.18 17.90 28.64
N GLN A 455 5.68 18.93 29.34
CA GLN A 455 4.28 19.32 29.25
C GLN A 455 3.97 19.85 27.86
N LYS A 456 4.92 20.60 27.30
CA LYS A 456 4.72 21.10 25.94
C LYS A 456 4.69 19.94 24.96
N MET A 457 5.62 19.00 25.12
CA MET A 457 5.66 17.80 24.28
C MET A 457 4.41 16.92 24.42
N LEU A 458 3.80 16.93 25.60
CA LEU A 458 2.63 16.10 25.82
C LEU A 458 1.31 16.84 25.62
N GLU A 459 1.33 17.89 24.82
CA GLU A 459 0.10 18.55 24.37
C GLU A 459 -0.78 17.59 23.56
N TYR A 460 -2.04 17.49 23.97
CA TYR A 460 -3.04 16.63 23.34
C TYR A 460 -3.25 16.93 21.88
N ASP A 461 -3.25 18.21 21.52
CA ASP A 461 -3.51 18.59 20.14
C ASP A 461 -2.23 18.59 19.35
N PRO A 462 -2.09 17.64 18.42
CA PRO A 462 -0.87 17.62 17.60
C PRO A 462 -0.70 18.91 16.83
N ALA A 463 -1.83 19.55 16.51
CA ALA A 463 -1.85 20.80 15.76
C ALA A 463 -1.30 21.97 16.60
N LYS A 464 -1.39 21.85 17.91
CA LYS A 464 -0.92 22.90 18.83
C LYS A 464 0.23 22.41 19.70
N ARG A 465 0.92 21.37 19.22
CA ARG A 465 1.99 20.71 19.95
C ARG A 465 3.35 21.32 19.60
N ILE A 466 4.28 21.39 20.56
CA ILE A 466 5.58 21.99 20.29
C ILE A 466 6.33 21.16 19.23
N THR A 467 7.13 21.82 18.39
CA THR A 467 7.93 21.11 17.40
C THR A 467 9.36 20.94 17.90
N LEU A 468 10.10 19.99 17.36
CA LEU A 468 11.47 19.78 17.81
C LEU A 468 12.34 20.98 17.47
N ARG A 469 12.09 21.59 16.31
CA ARG A 469 12.74 22.84 15.92
C ARG A 469 12.68 23.88 17.04
N GLU A 470 11.53 23.94 17.68
CA GLU A 470 11.34 24.74 18.88
C GLU A 470 12.00 24.11 20.10
N ALA A 471 11.75 22.81 20.33
CA ALA A 471 12.16 22.12 21.54
C ALA A 471 13.65 22.30 21.80
N LEU A 472 14.42 22.29 20.73
CA LEU A 472 15.87 22.49 20.80
C LEU A 472 16.28 23.89 21.28
N LYS A 473 15.33 24.79 21.44
CA LYS A 473 15.63 26.15 21.86
C LYS A 473 15.11 26.41 23.26
N HIS A 474 14.44 25.42 23.82
CA HIS A 474 13.89 25.50 25.18
C HIS A 474 14.99 25.74 26.23
N PRO A 475 14.65 26.51 27.26
CA PRO A 475 15.46 26.84 28.44
C PRO A 475 16.20 25.63 29.03
N PHE A 476 15.53 24.48 29.11
CA PHE A 476 16.12 23.26 29.69
C PHE A 476 17.49 22.91 29.09
N PHE A 477 17.69 23.26 27.83
CA PHE A 477 18.97 22.99 27.22
C PHE A 477 20.01 24.08 27.42
N ASP A 478 19.65 25.22 28.03
CA ASP A 478 20.55 26.36 28.01
C ASP A 478 21.94 25.99 28.52
N LEU A 479 22.03 25.27 29.63
CA LEU A 479 23.34 24.89 30.17
C LEU A 479 24.22 24.17 29.16
N LEU A 480 23.63 23.52 28.16
CA LEU A 480 24.42 22.84 27.14
C LEU A 480 25.15 23.82 26.22
N LYS A 481 24.67 25.06 26.21
CA LYS A 481 25.22 26.11 25.35
C LYS A 481 26.49 26.69 25.94
N LEU B 149 -29.11 20.44 10.93
CA LEU B 149 -29.62 19.58 12.00
C LEU B 149 -30.81 20.23 12.73
N ILE B 150 -30.93 21.55 12.61
CA ILE B 150 -31.89 22.34 13.41
C ILE B 150 -33.35 22.32 12.92
N CYS B 151 -33.77 21.23 12.30
CA CYS B 151 -35.11 21.16 11.69
C CYS B 151 -36.09 20.33 12.53
N GLN B 152 -37.31 20.16 12.03
CA GLN B 152 -38.37 19.51 12.81
C GLN B 152 -39.46 18.83 11.99
N SER B 153 -40.00 19.54 11.01
CA SER B 153 -40.88 18.92 10.02
C SER B 153 -41.47 19.94 9.06
N GLY B 154 -42.39 20.81 9.47
CA GLY B 154 -42.99 21.68 8.48
C GLY B 154 -42.07 22.63 7.71
N ASP B 155 -40.78 22.65 8.03
CA ASP B 155 -39.82 23.59 7.44
C ASP B 155 -39.71 23.51 5.93
N VAL B 156 -39.15 24.54 5.30
CA VAL B 156 -38.95 24.55 3.86
C VAL B 156 -37.51 24.80 3.46
N LEU B 157 -36.91 23.83 2.78
CA LEU B 157 -35.55 23.98 2.30
C LEU B 157 -35.54 24.60 0.91
N SER B 158 -34.62 25.54 0.71
CA SER B 158 -34.38 26.19 -0.59
C SER B 158 -35.62 26.79 -1.23
N ALA B 159 -36.64 27.07 -0.41
CA ALA B 159 -37.90 27.63 -0.89
C ALA B 159 -38.63 26.68 -1.84
N ARG B 160 -38.20 25.42 -1.87
CA ARG B 160 -38.82 24.44 -2.76
C ARG B 160 -39.40 23.25 -2.02
N TYR B 161 -38.68 22.76 -1.02
CA TYR B 161 -39.04 21.49 -0.41
C TYR B 161 -39.58 21.62 0.99
N GLU B 162 -40.74 21.03 1.26
CA GLU B 162 -41.25 21.10 2.62
C GLU B 162 -41.10 19.75 3.32
N ILE B 163 -40.29 19.72 4.39
CA ILE B 163 -40.08 18.49 5.15
C ILE B 163 -41.41 17.91 5.64
N VAL B 164 -41.54 16.58 5.63
CA VAL B 164 -42.79 15.95 6.04
C VAL B 164 -42.61 14.95 7.17
N ASP B 165 -41.42 14.39 7.25
CA ASP B 165 -41.13 13.31 8.20
C ASP B 165 -39.66 13.00 8.16
N THR B 166 -39.24 12.03 8.95
CA THR B 166 -37.85 11.65 8.95
C THR B 166 -37.73 10.20 8.62
N LEU B 167 -37.15 9.94 7.46
CA LEU B 167 -37.02 8.60 6.95
C LEU B 167 -35.91 7.86 7.68
N GLY B 168 -34.98 8.60 8.25
CA GLY B 168 -33.83 7.99 8.87
C GLY B 168 -32.85 8.99 9.42
N GLU B 169 -31.82 8.49 10.08
CA GLU B 169 -30.80 9.33 10.69
C GLU B 169 -29.48 8.58 10.71
N GLY B 170 -28.37 9.31 10.70
CA GLY B 170 -27.07 8.69 10.84
C GLY B 170 -26.17 9.67 11.55
N ALA B 171 -24.94 9.25 11.83
CA ALA B 171 -24.00 10.13 12.50
C ALA B 171 -23.52 11.20 11.53
N PHE B 172 -24.03 11.13 10.30
CA PHE B 172 -23.64 11.97 9.16
C PHE B 172 -24.64 13.11 8.91
N GLY B 173 -25.87 12.93 9.35
CA GLY B 173 -26.94 13.85 9.07
C GLY B 173 -28.27 13.13 9.05
N LYS B 174 -29.17 13.56 8.17
CA LYS B 174 -30.54 13.01 8.14
C LYS B 174 -31.06 12.77 6.73
N VAL B 175 -32.18 12.06 6.65
CA VAL B 175 -32.89 11.88 5.40
C VAL B 175 -34.34 12.06 5.73
N VAL B 176 -35.00 12.93 4.97
CA VAL B 176 -36.36 13.28 5.25
C VAL B 176 -37.17 13.12 3.99
N GLU B 177 -38.44 12.78 4.16
CA GLU B 177 -39.40 12.82 3.07
C GLU B 177 -39.91 14.25 2.90
N CYS B 178 -39.84 14.78 1.69
CA CYS B 178 -40.20 16.17 1.44
C CYS B 178 -41.18 16.33 0.31
N ILE B 179 -42.23 17.09 0.57
CA ILE B 179 -43.15 17.54 -0.47
C ILE B 179 -42.43 18.52 -1.37
N ASP B 180 -42.11 18.12 -2.60
CA ASP B 180 -41.52 19.06 -3.55
C ASP B 180 -42.60 19.99 -4.13
N HIS B 181 -42.51 21.28 -3.81
CA HIS B 181 -43.56 22.20 -4.22
C HIS B 181 -43.46 22.69 -5.66
N LYS B 182 -42.27 22.97 -6.17
CA LYS B 182 -42.10 23.26 -7.58
C LYS B 182 -42.79 22.20 -8.42
N ALA B 183 -42.35 20.97 -8.26
CA ALA B 183 -42.81 19.87 -9.10
C ALA B 183 -44.18 19.29 -8.73
N GLY B 184 -45.12 20.12 -8.27
CA GLY B 184 -46.49 19.67 -8.09
C GLY B 184 -46.85 18.93 -6.82
N GLY B 185 -45.91 18.80 -5.88
CA GLY B 185 -46.16 18.04 -4.66
C GLY B 185 -45.65 16.59 -4.64
N ARG B 186 -44.82 16.23 -5.61
CA ARG B 186 -44.13 14.96 -5.56
C ARG B 186 -43.37 14.87 -4.27
N HIS B 187 -43.49 13.74 -3.57
CA HIS B 187 -42.61 13.48 -2.45
C HIS B 187 -41.22 13.10 -2.96
N VAL B 188 -40.18 13.55 -2.27
CA VAL B 188 -38.80 13.20 -2.58
C VAL B 188 -38.05 12.83 -1.30
N ALA B 189 -36.82 12.36 -1.44
CA ALA B 189 -36.01 12.10 -0.25
C ALA B 189 -34.93 13.13 -0.26
N VAL B 190 -34.73 13.77 0.88
CA VAL B 190 -33.68 14.78 0.95
C VAL B 190 -32.67 14.36 2.01
N LYS B 191 -31.40 14.44 1.63
CA LYS B 191 -30.32 14.02 2.50
C LYS B 191 -29.61 15.26 3.01
N ILE B 192 -29.91 15.63 4.25
CA ILE B 192 -29.33 16.81 4.85
C ILE B 192 -28.10 16.45 5.65
N VAL B 193 -26.96 17.01 5.26
CA VAL B 193 -25.64 16.63 5.80
C VAL B 193 -25.12 17.64 6.84
N LYS B 194 -24.74 17.12 8.00
CA LYS B 194 -24.20 17.91 9.09
C LYS B 194 -23.07 18.82 8.61
N ASN B 195 -22.92 20.00 9.19
CA ASN B 195 -21.89 20.92 8.72
C ASN B 195 -20.48 20.57 9.20
N VAL B 196 -20.37 19.64 10.16
CA VAL B 196 -19.08 19.09 10.54
C VAL B 196 -18.54 18.49 9.25
N ASP B 197 -17.29 18.76 8.91
CA ASP B 197 -16.87 18.58 7.52
C ASP B 197 -16.53 17.12 7.22
N ARG B 198 -16.09 16.39 8.24
CA ARG B 198 -15.88 14.94 8.16
C ARG B 198 -16.90 14.33 7.20
N TYR B 199 -18.14 14.78 7.35
CA TYR B 199 -19.24 14.36 6.51
C TYR B 199 -19.52 15.31 5.34
N CYS B 200 -18.85 16.46 5.30
CA CYS B 200 -19.11 17.40 4.24
C CYS B 200 -18.33 17.02 2.98
N GLU B 201 -17.08 16.59 3.13
CA GLU B 201 -16.30 16.14 1.99
C GLU B 201 -16.83 14.82 1.42
N ALA B 202 -17.43 14.01 2.29
CA ALA B 202 -18.12 12.79 1.87
C ALA B 202 -19.28 13.12 0.96
N ALA B 203 -20.08 14.10 1.39
CA ALA B 203 -21.23 14.58 0.63
C ALA B 203 -20.83 15.16 -0.73
N ARG B 204 -19.64 15.73 -0.79
CA ARG B 204 -19.19 16.34 -2.04
C ARG B 204 -18.76 15.26 -3.00
N SER B 205 -18.05 14.28 -2.44
CA SER B 205 -17.61 13.09 -3.16
C SER B 205 -18.80 12.36 -3.76
N GLU B 206 -19.79 12.11 -2.92
CA GLU B 206 -20.98 11.39 -3.34
C GLU B 206 -21.67 12.04 -4.55
N ILE B 207 -21.73 13.37 -4.55
CA ILE B 207 -22.42 14.10 -5.62
C ILE B 207 -21.72 13.92 -6.97
N GLN B 208 -20.40 13.87 -6.97
CA GLN B 208 -19.65 13.55 -8.19
C GLN B 208 -20.04 12.17 -8.69
N VAL B 209 -19.91 11.19 -7.81
CA VAL B 209 -20.22 9.82 -8.18
C VAL B 209 -21.66 9.74 -8.65
N LEU B 210 -22.55 10.46 -8.00
CA LEU B 210 -23.95 10.42 -8.38
C LEU B 210 -24.19 11.04 -9.74
N GLU B 211 -23.40 12.06 -10.07
CA GLU B 211 -23.57 12.79 -11.32
C GLU B 211 -23.03 11.95 -12.44
N HIS B 212 -21.83 11.42 -12.23
CA HIS B 212 -21.24 10.43 -13.12
C HIS B 212 -22.24 9.31 -13.38
N LEU B 213 -22.74 8.70 -12.32
CA LEU B 213 -23.62 7.54 -12.46
C LEU B 213 -24.98 7.88 -13.03
N ASN B 214 -25.38 9.15 -12.96
CA ASN B 214 -26.67 9.51 -13.55
C ASN B 214 -26.54 9.76 -15.05
N THR B 215 -25.44 10.34 -15.49
CA THR B 215 -25.28 10.62 -16.91
C THR B 215 -25.02 9.32 -17.66
N THR B 216 -24.07 8.52 -17.16
CA THR B 216 -23.74 7.23 -17.77
C THR B 216 -24.96 6.30 -17.88
N ASP B 217 -25.90 6.43 -16.94
CA ASP B 217 -27.16 5.69 -17.00
C ASP B 217 -28.34 6.57 -16.60
N PRO B 218 -28.88 7.34 -17.56
CA PRO B 218 -29.98 8.28 -17.33
C PRO B 218 -31.29 7.60 -16.94
N ASN B 219 -31.41 6.29 -17.16
CA ASN B 219 -32.66 5.57 -16.90
C ASN B 219 -32.57 4.54 -15.78
N SER B 220 -31.45 4.53 -15.07
CA SER B 220 -31.20 3.61 -13.95
C SER B 220 -31.54 2.17 -14.32
N THR B 221 -31.21 1.80 -15.54
CA THR B 221 -31.34 0.41 -15.97
C THR B 221 -30.60 -0.50 -15.00
N PHE B 222 -29.57 0.06 -14.37
CA PHE B 222 -28.76 -0.67 -13.41
C PHE B 222 -29.15 -0.37 -11.96
N ARG B 223 -30.24 0.36 -11.76
CA ARG B 223 -30.90 0.40 -10.46
C ARG B 223 -30.14 1.10 -9.33
N CYS B 224 -29.18 1.95 -9.66
CA CYS B 224 -28.62 2.84 -8.63
C CYS B 224 -29.62 3.95 -8.33
N VAL B 225 -29.56 4.49 -7.11
CA VAL B 225 -30.51 5.54 -6.73
C VAL B 225 -30.20 6.78 -7.53
N GLN B 226 -31.25 7.49 -7.94
CA GLN B 226 -31.10 8.62 -8.83
C GLN B 226 -31.16 9.96 -8.10
N MET B 227 -30.11 10.75 -8.27
CA MET B 227 -30.09 12.08 -7.71
C MET B 227 -30.81 13.08 -8.60
N LEU B 228 -31.76 13.80 -8.02
CA LEU B 228 -32.56 14.73 -8.77
C LEU B 228 -31.86 16.09 -8.82
N GLU B 229 -31.31 16.49 -7.68
CA GLU B 229 -30.69 17.80 -7.53
C GLU B 229 -29.85 17.82 -6.25
N TRP B 230 -28.80 18.62 -6.20
CA TRP B 230 -28.33 19.03 -4.88
C TRP B 230 -28.32 20.56 -4.64
N PHE B 231 -28.23 20.95 -3.37
CA PHE B 231 -28.17 22.36 -2.98
C PHE B 231 -27.67 22.59 -1.55
N GLU B 232 -27.29 23.83 -1.26
CA GLU B 232 -26.70 24.21 0.02
C GLU B 232 -27.72 25.06 0.77
N HIS B 233 -27.90 24.81 2.06
CA HIS B 233 -29.01 25.46 2.77
C HIS B 233 -28.69 25.82 4.21
N HIS B 234 -28.59 27.13 4.45
CA HIS B 234 -28.17 27.67 5.75
C HIS B 234 -26.88 26.98 6.19
N GLY B 235 -25.98 26.77 5.24
CA GLY B 235 -24.70 26.14 5.54
C GLY B 235 -24.64 24.65 5.31
N HIS B 236 -25.72 23.93 5.61
CA HIS B 236 -25.78 22.48 5.37
C HIS B 236 -25.84 22.14 3.89
N ILE B 237 -25.33 20.97 3.52
CA ILE B 237 -25.43 20.49 2.15
C ILE B 237 -26.62 19.56 2.01
N CYS B 238 -27.39 19.70 0.94
CA CYS B 238 -28.61 18.93 0.78
C CYS B 238 -28.64 18.26 -0.57
N ILE B 239 -28.80 16.93 -0.59
CA ILE B 239 -28.95 16.18 -1.83
C ILE B 239 -30.37 15.64 -1.93
N VAL B 240 -30.98 15.78 -3.11
CA VAL B 240 -32.36 15.35 -3.29
C VAL B 240 -32.47 14.03 -4.08
N PHE B 241 -33.23 13.08 -3.56
CA PHE B 241 -33.36 11.80 -4.25
C PHE B 241 -34.79 11.50 -4.56
N GLU B 242 -34.98 10.52 -5.43
CA GLU B 242 -36.29 9.91 -5.58
C GLU B 242 -36.71 9.29 -4.26
N LEU B 243 -38.01 9.17 -4.03
CA LEU B 243 -38.54 8.53 -2.83
C LEU B 243 -38.68 7.04 -3.05
N LEU B 244 -38.32 6.26 -2.03
CA LEU B 244 -38.32 4.81 -2.10
C LEU B 244 -38.91 4.20 -0.83
N GLY B 245 -39.06 2.88 -0.82
CA GLY B 245 -39.63 2.21 0.32
C GLY B 245 -38.68 2.05 1.48
N LEU B 246 -39.04 1.16 2.40
CA LEU B 246 -38.11 0.79 3.46
C LEU B 246 -36.85 0.21 2.86
N SER B 247 -35.75 0.37 3.56
CA SER B 247 -34.56 -0.43 3.33
C SER B 247 -34.88 -1.90 3.63
N THR B 248 -34.15 -2.81 2.98
CA THR B 248 -34.35 -4.23 3.16
C THR B 248 -34.13 -4.63 4.63
N TYR B 249 -33.03 -4.20 5.24
CA TYR B 249 -32.85 -4.36 6.69
C TYR B 249 -34.07 -3.96 7.54
N ASP B 250 -34.58 -2.74 7.30
CA ASP B 250 -35.74 -2.22 8.01
C ASP B 250 -36.94 -3.12 7.88
N PHE B 251 -37.24 -3.52 6.64
CA PHE B 251 -38.39 -4.39 6.39
C PHE B 251 -38.27 -5.70 7.19
N ILE B 252 -37.04 -6.18 7.34
CA ILE B 252 -36.75 -7.35 8.14
C ILE B 252 -36.92 -7.08 9.64
N LYS B 253 -36.31 -6.01 10.13
CA LYS B 253 -36.50 -5.54 11.51
C LYS B 253 -37.97 -5.48 11.90
N GLU B 254 -38.77 -4.83 11.07
CA GLU B 254 -40.20 -4.67 11.35
C GLU B 254 -40.94 -5.99 11.29
N ASN B 255 -40.56 -6.84 10.35
CA ASN B 255 -41.13 -8.18 10.28
C ASN B 255 -40.62 -9.08 11.39
N GLY B 256 -39.90 -8.53 12.36
CA GLY B 256 -39.53 -9.27 13.55
C GLY B 256 -38.33 -10.16 13.31
N PHE B 257 -37.45 -9.72 12.41
CA PHE B 257 -36.25 -10.46 12.03
C PHE B 257 -36.58 -11.85 11.50
N LEU B 258 -37.45 -11.87 10.50
CA LEU B 258 -37.71 -13.06 9.71
C LEU B 258 -37.11 -12.90 8.32
N PRO B 259 -36.95 -14.00 7.60
CA PRO B 259 -36.26 -13.80 6.32
C PRO B 259 -37.21 -13.61 5.15
N PHE B 260 -36.64 -13.27 3.99
CA PHE B 260 -37.36 -13.21 2.73
C PHE B 260 -37.55 -14.59 2.11
N ARG B 261 -38.63 -14.78 1.35
CA ARG B 261 -38.84 -16.04 0.67
C ARG B 261 -37.78 -16.15 -0.43
N LEU B 262 -37.51 -17.36 -0.90
CA LEU B 262 -36.33 -17.62 -1.73
C LEU B 262 -36.38 -16.99 -3.11
N ASP B 263 -37.56 -16.95 -3.71
CA ASP B 263 -37.72 -16.37 -5.03
C ASP B 263 -37.46 -14.86 -4.95
N HIS B 264 -37.94 -14.24 -3.88
CA HIS B 264 -37.65 -12.84 -3.56
C HIS B 264 -36.16 -12.59 -3.44
N ILE B 265 -35.47 -13.46 -2.71
CA ILE B 265 -34.03 -13.34 -2.54
C ILE B 265 -33.34 -13.43 -3.88
N ARG B 266 -33.82 -14.35 -4.72
CA ARG B 266 -33.20 -14.61 -6.01
C ARG B 266 -33.22 -13.35 -6.86
N LYS B 267 -34.41 -12.75 -6.97
CA LYS B 267 -34.57 -11.50 -7.71
C LYS B 267 -33.75 -10.36 -7.11
N MET B 268 -33.90 -10.10 -5.81
CA MET B 268 -33.13 -9.06 -5.15
C MET B 268 -31.63 -9.30 -5.37
N ALA B 269 -31.17 -10.51 -5.08
CA ALA B 269 -29.75 -10.80 -5.24
C ALA B 269 -29.32 -10.61 -6.69
N TYR B 270 -30.20 -10.90 -7.63
CA TYR B 270 -29.83 -10.70 -9.01
C TYR B 270 -29.67 -9.20 -9.27
N GLN B 271 -30.71 -8.41 -8.94
CA GLN B 271 -30.68 -6.96 -9.16
C GLN B 271 -29.55 -6.27 -8.41
N ILE B 272 -29.32 -6.68 -7.16
CA ILE B 272 -28.21 -6.13 -6.39
C ILE B 272 -26.91 -6.40 -7.12
N CYS B 273 -26.74 -7.65 -7.55
CA CYS B 273 -25.56 -8.09 -8.29
C CYS B 273 -25.33 -7.37 -9.62
N LYS B 274 -26.40 -7.20 -10.42
CA LYS B 274 -26.31 -6.47 -11.68
C LYS B 274 -25.97 -4.98 -11.48
N SER B 275 -26.42 -4.40 -10.37
CA SER B 275 -26.17 -3.00 -10.09
C SER B 275 -24.75 -2.72 -9.65
N VAL B 276 -24.22 -3.53 -8.72
CA VAL B 276 -22.86 -3.29 -8.22
C VAL B 276 -21.87 -3.63 -9.31
N ASN B 277 -22.26 -4.54 -10.18
CA ASN B 277 -21.44 -4.88 -11.32
C ASN B 277 -21.33 -3.69 -12.31
N PHE B 278 -22.38 -2.89 -12.39
CA PHE B 278 -22.30 -1.69 -13.17
C PHE B 278 -21.36 -0.67 -12.51
N LEU B 279 -21.46 -0.52 -11.19
CA LEU B 279 -20.44 0.22 -10.46
C LEU B 279 -19.03 -0.27 -10.83
N HIS B 280 -18.79 -1.58 -10.73
CA HIS B 280 -17.45 -2.13 -10.96
C HIS B 280 -16.98 -1.95 -12.40
N SER B 281 -17.90 -2.14 -13.36
CA SER B 281 -17.64 -1.83 -14.77
C SER B 281 -17.07 -0.43 -14.95
N ASN B 282 -17.52 0.49 -14.08
CA ASN B 282 -17.13 1.89 -14.17
C ASN B 282 -16.00 2.29 -13.23
N LYS B 283 -15.08 1.37 -12.97
CA LYS B 283 -13.91 1.65 -12.13
C LYS B 283 -14.28 2.15 -10.74
N LEU B 284 -15.43 1.70 -10.25
CA LEU B 284 -15.93 2.12 -8.95
C LEU B 284 -16.08 0.96 -7.97
N THR B 285 -15.85 1.24 -6.70
CA THR B 285 -16.08 0.27 -5.62
C THR B 285 -16.95 0.95 -4.58
N HIS B 286 -18.16 0.45 -4.40
CA HIS B 286 -19.11 1.03 -3.45
C HIS B 286 -18.52 1.07 -2.04
N THR B 287 -18.12 -0.09 -1.52
CA THR B 287 -17.38 -0.30 -0.26
C THR B 287 -18.22 -0.24 1.01
N ASP B 288 -19.51 0.05 0.88
CA ASP B 288 -20.37 0.08 2.05
C ASP B 288 -21.70 -0.63 1.77
N LEU B 289 -21.65 -1.79 1.12
CA LEU B 289 -22.90 -2.50 0.90
C LEU B 289 -23.34 -3.21 2.16
N LYS B 290 -24.54 -2.91 2.62
CA LYS B 290 -25.14 -3.64 3.73
C LYS B 290 -26.64 -3.60 3.48
N PRO B 291 -27.45 -4.38 4.21
CA PRO B 291 -28.85 -4.32 3.79
C PRO B 291 -29.49 -2.95 4.10
N GLU B 292 -28.85 -2.11 4.91
CA GLU B 292 -29.43 -0.79 5.16
C GLU B 292 -29.32 0.09 3.93
N ASN B 293 -28.32 -0.16 3.08
CA ASN B 293 -28.16 0.59 1.84
C ASN B 293 -28.72 -0.12 0.61
N ILE B 294 -29.67 -1.02 0.84
CA ILE B 294 -30.41 -1.62 -0.25
C ILE B 294 -31.85 -1.31 0.02
N LEU B 295 -32.49 -0.59 -0.87
CA LEU B 295 -33.84 -0.09 -0.60
C LEU B 295 -34.79 -0.65 -1.61
N PHE B 296 -35.96 -1.10 -1.15
CA PHE B 296 -37.06 -1.47 -2.04
C PHE B 296 -37.63 -0.24 -2.74
N VAL B 297 -38.10 -0.45 -3.95
CA VAL B 297 -38.74 0.61 -4.72
C VAL B 297 -40.16 0.84 -4.18
N GLN B 298 -40.83 -0.24 -3.79
CA GLN B 298 -42.09 -0.21 -3.02
C GLN B 298 -42.05 -1.34 -1.98
N SER B 299 -42.22 -0.99 -0.70
CA SER B 299 -42.05 -1.96 0.38
C SER B 299 -43.37 -2.33 1.03
N ASP B 300 -44.47 -2.13 0.30
CA ASP B 300 -45.79 -2.43 0.86
C ASP B 300 -45.97 -3.94 1.01
N TYR B 301 -46.84 -4.32 1.95
CA TYR B 301 -47.04 -5.73 2.24
C TYR B 301 -48.46 -6.07 2.67
N THR B 302 -48.81 -7.34 2.52
CA THR B 302 -50.09 -7.87 2.95
C THR B 302 -49.91 -8.77 4.18
N GLU B 303 -50.85 -8.71 5.12
CA GLU B 303 -50.76 -9.56 6.29
C GLU B 303 -51.77 -10.71 6.31
N ALA B 304 -51.45 -11.75 7.09
CA ALA B 304 -52.25 -12.95 7.18
C ALA B 304 -51.95 -13.69 8.48
N TYR B 305 -52.58 -14.84 8.70
CA TYR B 305 -52.24 -15.70 9.86
C TYR B 305 -52.12 -17.15 9.39
N ASN B 306 -51.32 -17.94 10.12
CA ASN B 306 -51.13 -19.36 9.82
C ASN B 306 -50.52 -20.16 10.98
N PRO B 307 -50.08 -21.38 10.66
CA PRO B 307 -49.41 -22.28 11.60
C PRO B 307 -48.31 -21.60 12.41
N LYS B 308 -48.74 -20.79 13.38
CA LYS B 308 -47.90 -19.91 14.20
C LYS B 308 -46.49 -20.42 14.46
N ARG B 311 -49.12 -16.78 14.37
CA ARG B 311 -48.98 -15.33 14.41
C ARG B 311 -49.21 -14.71 13.03
N ASP B 312 -49.25 -13.38 12.97
CA ASP B 312 -49.60 -12.70 11.72
C ASP B 312 -48.37 -12.32 10.86
N GLU B 313 -48.25 -12.95 9.68
CA GLU B 313 -47.07 -12.80 8.82
C GLU B 313 -47.25 -11.76 7.69
N ARG B 314 -46.14 -11.15 7.28
CA ARG B 314 -46.20 -10.23 6.14
C ARG B 314 -45.51 -10.76 4.91
N THR B 315 -46.15 -10.62 3.75
CA THR B 315 -45.48 -11.03 2.53
C THR B 315 -45.23 -9.83 1.65
N LEU B 316 -43.96 -9.67 1.28
CA LEU B 316 -43.50 -8.60 0.40
C LEU B 316 -44.23 -8.61 -0.95
N ILE B 317 -44.76 -7.47 -1.37
CA ILE B 317 -45.52 -7.44 -2.61
C ILE B 317 -44.64 -7.34 -3.84
N ASN B 318 -43.76 -6.36 -3.83
CA ASN B 318 -42.85 -6.21 -4.94
C ASN B 318 -41.44 -6.11 -4.42
N PRO B 319 -40.55 -6.99 -4.92
CA PRO B 319 -39.18 -7.11 -4.39
C PRO B 319 -38.10 -6.34 -5.18
N ASP B 320 -38.49 -5.35 -5.99
CA ASP B 320 -37.49 -4.58 -6.75
C ASP B 320 -36.73 -3.63 -5.84
N ILE B 321 -35.42 -3.58 -5.98
CA ILE B 321 -34.61 -2.77 -5.09
C ILE B 321 -33.80 -1.70 -5.81
N LYS B 322 -33.27 -0.77 -5.04
CA LYS B 322 -32.19 0.07 -5.52
C LYS B 322 -31.03 0.16 -4.53
N VAL B 323 -29.84 0.37 -5.05
CA VAL B 323 -28.65 0.56 -4.24
C VAL B 323 -28.46 2.07 -3.91
N VAL B 324 -28.28 2.41 -2.62
CA VAL B 324 -28.02 3.82 -2.25
C VAL B 324 -26.65 4.00 -1.61
N ASP B 325 -26.42 5.24 -1.15
CA ASP B 325 -25.33 5.59 -0.24
C ASP B 325 -23.97 5.45 -0.90
N PHE B 326 -23.62 6.45 -1.68
CA PHE B 326 -22.41 6.43 -2.46
C PHE B 326 -21.36 7.30 -1.82
N GLY B 327 -21.59 7.62 -0.55
CA GLY B 327 -20.69 8.47 0.22
C GLY B 327 -19.27 7.96 0.18
N SER B 328 -19.11 6.64 0.28
CA SER B 328 -17.78 6.06 0.38
C SER B 328 -17.29 5.47 -0.92
N ALA B 329 -18.04 5.67 -2.01
CA ALA B 329 -17.69 5.08 -3.29
C ALA B 329 -16.33 5.55 -3.78
N THR B 330 -15.33 4.67 -3.70
CA THR B 330 -13.98 4.97 -4.12
C THR B 330 -13.70 4.53 -5.55
N TYR B 331 -13.05 5.40 -6.33
CA TYR B 331 -12.49 5.03 -7.65
C TYR B 331 -11.17 4.26 -7.51
N ASP B 332 -10.84 3.42 -8.49
CA ASP B 332 -9.56 2.72 -8.50
C ASP B 332 -8.42 3.72 -8.69
N ASP B 333 -8.80 4.94 -9.05
CA ASP B 333 -7.88 6.01 -9.39
C ASP B 333 -7.83 6.91 -8.14
N GLU B 334 -8.12 6.32 -7.00
CA GLU B 334 -8.19 7.06 -5.73
C GLU B 334 -7.52 6.39 -4.54
N HIS B 335 -7.09 7.23 -3.61
CA HIS B 335 -6.65 6.83 -2.27
C HIS B 335 -7.61 5.78 -1.72
N HIS B 336 -7.09 4.80 -1.00
CA HIS B 336 -7.93 3.76 -0.42
C HIS B 336 -7.78 3.81 1.09
N SER B 337 -8.83 4.24 1.78
CA SER B 337 -8.83 4.28 3.23
C SER B 337 -8.54 2.88 3.73
N THR B 338 -7.99 2.74 4.93
CA THR B 338 -7.60 1.41 5.37
C THR B 338 -8.77 0.56 5.87
N LEU B 339 -9.67 1.13 6.67
CA LEU B 339 -10.92 0.42 6.96
C LEU B 339 -12.05 1.12 6.23
N VAL B 340 -12.76 0.37 5.39
CA VAL B 340 -13.99 0.92 4.78
C VAL B 340 -15.12 -0.11 4.78
N SER B 341 -16.08 0.07 5.69
CA SER B 341 -17.29 -0.76 5.81
C SER B 341 -18.10 -0.39 7.05
N THR B 342 -18.73 -1.40 7.64
CA THR B 342 -19.39 -1.25 8.94
C THR B 342 -19.24 -2.54 9.71
N ARG B 343 -17.99 -2.97 9.89
CA ARG B 343 -17.57 -4.10 10.72
C ARG B 343 -18.64 -5.18 10.94
N HIS B 344 -19.11 -5.74 9.84
CA HIS B 344 -20.22 -6.71 9.81
C HIS B 344 -20.17 -7.35 8.43
N TYR B 345 -19.84 -6.52 7.44
CA TYR B 345 -19.78 -6.91 6.04
C TYR B 345 -18.45 -6.46 5.47
N ARG B 346 -17.48 -6.27 6.36
CA ARG B 346 -16.12 -5.95 5.99
C ARG B 346 -15.37 -7.23 5.62
N ALA B 347 -14.71 -7.23 4.46
CA ALA B 347 -13.99 -8.41 3.95
C ALA B 347 -12.71 -8.70 4.75
N PRO B 348 -12.21 -9.96 4.69
CA PRO B 348 -11.04 -10.32 5.48
C PRO B 348 -9.76 -9.59 5.07
N GLU B 349 -9.65 -9.18 3.81
CA GLU B 349 -8.52 -8.34 3.42
C GLU B 349 -8.71 -6.90 3.97
N VAL B 350 -9.95 -6.50 4.18
CA VAL B 350 -10.17 -5.17 4.72
C VAL B 350 -9.79 -5.15 6.20
N ILE B 351 -10.08 -6.24 6.90
CA ILE B 351 -9.76 -6.38 8.31
C ILE B 351 -8.25 -6.46 8.52
N LEU B 352 -7.62 -7.35 7.76
CA LEU B 352 -6.19 -7.58 7.86
C LEU B 352 -5.41 -6.38 7.29
N ALA B 353 -6.12 -5.51 6.62
CA ALA B 353 -5.53 -4.33 5.99
C ALA B 353 -4.50 -4.73 4.96
N LEU B 354 -4.75 -5.83 4.28
CA LEU B 354 -3.92 -6.26 3.17
C LEU B 354 -4.18 -5.44 1.90
N GLY B 355 -5.02 -4.43 2.00
CA GLY B 355 -5.30 -3.62 0.84
C GLY B 355 -6.39 -4.27 0.03
N TRP B 356 -7.47 -3.52 -0.14
CA TRP B 356 -8.67 -4.00 -0.79
C TRP B 356 -8.88 -3.34 -2.14
N SER B 357 -10.05 -3.62 -2.73
CA SER B 357 -10.48 -3.09 -4.01
C SER B 357 -11.84 -3.73 -4.34
N GLN B 358 -12.20 -3.81 -5.63
CA GLN B 358 -13.54 -4.31 -6.05
C GLN B 358 -14.10 -5.58 -5.41
N PRO B 359 -13.22 -6.57 -5.09
CA PRO B 359 -13.74 -7.82 -4.51
C PRO B 359 -14.27 -7.73 -3.08
N CYS B 360 -14.21 -6.56 -2.45
CA CYS B 360 -14.70 -6.41 -1.08
C CYS B 360 -16.21 -6.18 -1.09
N ASP B 361 -16.73 -5.66 -2.20
CA ASP B 361 -18.18 -5.56 -2.40
C ASP B 361 -18.74 -6.96 -2.56
N VAL B 362 -17.96 -7.83 -3.19
CA VAL B 362 -18.42 -9.16 -3.49
C VAL B 362 -18.56 -9.92 -2.18
N TRP B 363 -17.55 -9.81 -1.32
CA TRP B 363 -17.68 -10.37 0.04
C TRP B 363 -18.91 -9.80 0.78
N SER B 364 -19.13 -8.48 0.66
CA SER B 364 -20.23 -7.83 1.38
C SER B 364 -21.59 -8.27 0.88
N ILE B 365 -21.68 -8.54 -0.42
CA ILE B 365 -22.92 -9.07 -0.96
C ILE B 365 -23.13 -10.50 -0.45
N GLY B 366 -22.02 -11.24 -0.33
CA GLY B 366 -22.01 -12.56 0.25
C GLY B 366 -22.77 -12.58 1.57
N CYS B 367 -22.42 -11.64 2.45
CA CYS B 367 -23.05 -11.51 3.77
C CYS B 367 -24.50 -11.03 3.73
N ILE B 368 -24.85 -10.24 2.74
CA ILE B 368 -26.22 -9.76 2.65
C ILE B 368 -27.13 -10.93 2.25
N LEU B 369 -26.60 -11.87 1.49
CA LEU B 369 -27.48 -12.91 0.99
C LEU B 369 -27.91 -13.86 2.11
N ILE B 370 -27.02 -14.10 3.07
CA ILE B 370 -27.31 -15.05 4.13
C ILE B 370 -28.26 -14.39 5.09
N GLU B 371 -27.97 -13.12 5.38
CA GLU B 371 -28.85 -12.26 6.18
C GLU B 371 -30.28 -12.29 5.67
N TYR B 372 -30.47 -12.04 4.38
CA TYR B 372 -31.79 -12.24 3.78
C TYR B 372 -32.32 -13.66 4.01
N TYR B 373 -31.48 -14.67 3.78
CA TYR B 373 -31.89 -16.05 3.95
C TYR B 373 -32.26 -16.40 5.40
N LEU B 374 -31.42 -15.99 6.34
CA LEU B 374 -31.61 -16.26 7.78
C LEU B 374 -32.49 -15.23 8.56
N GLY B 375 -32.45 -13.96 8.17
CA GLY B 375 -33.20 -12.95 8.88
C GLY B 375 -32.37 -12.25 9.94
N PHE B 376 -31.10 -12.65 10.06
CA PHE B 376 -30.20 -11.96 10.99
C PHE B 376 -28.80 -11.77 10.41
N THR B 377 -27.96 -11.05 11.14
CA THR B 377 -26.58 -10.82 10.74
C THR B 377 -25.72 -12.00 11.19
N VAL B 378 -24.88 -12.53 10.30
CA VAL B 378 -24.10 -13.72 10.66
C VAL B 378 -22.80 -13.34 11.36
N PHE B 379 -22.41 -12.07 11.27
CA PHE B 379 -21.23 -11.58 11.99
C PHE B 379 -21.62 -10.45 12.91
N PRO B 380 -22.49 -10.72 13.87
CA PRO B 380 -22.98 -9.63 14.73
C PRO B 380 -21.95 -9.28 15.78
N THR B 381 -20.98 -8.45 15.43
CA THR B 381 -19.91 -8.10 16.37
C THR B 381 -19.33 -6.71 16.09
N HIS B 382 -18.63 -6.17 17.08
CA HIS B 382 -18.06 -4.83 16.96
C HIS B 382 -16.57 -4.90 17.24
N ASP B 383 -15.99 -6.08 17.03
CA ASP B 383 -14.63 -6.39 17.44
C ASP B 383 -13.94 -7.16 16.32
N SER B 384 -12.73 -6.74 15.95
CA SER B 384 -12.02 -7.35 14.84
C SER B 384 -11.63 -8.81 15.08
N LYS B 385 -10.98 -9.09 16.21
CA LYS B 385 -10.52 -10.45 16.49
C LYS B 385 -11.70 -11.41 16.68
N GLU B 386 -12.81 -10.90 17.21
CA GLU B 386 -14.01 -11.72 17.30
C GLU B 386 -14.49 -12.12 15.91
N HIS B 387 -14.55 -11.12 15.04
CA HIS B 387 -15.01 -11.27 13.68
C HIS B 387 -14.17 -12.28 12.89
N LEU B 388 -12.84 -12.22 13.03
CA LEU B 388 -11.97 -13.21 12.42
C LEU B 388 -12.26 -14.57 13.03
N ALA B 389 -12.47 -14.60 14.34
CA ALA B 389 -12.87 -15.83 15.00
C ALA B 389 -14.22 -16.32 14.44
N MET B 390 -15.19 -15.43 14.33
CA MET B 390 -16.50 -15.77 13.73
C MET B 390 -16.30 -16.35 12.35
N MET B 391 -15.43 -15.71 11.58
CA MET B 391 -15.11 -16.13 10.23
C MET B 391 -14.60 -17.57 10.17
N GLU B 392 -13.65 -17.89 11.03
CA GLU B 392 -13.06 -19.20 10.88
C GLU B 392 -14.01 -20.28 11.40
N ARG B 393 -14.83 -19.99 12.41
CA ARG B 393 -15.78 -21.05 12.82
C ARG B 393 -16.80 -21.32 11.71
N ILE B 394 -17.29 -20.27 11.07
CA ILE B 394 -18.27 -20.44 10.00
C ILE B 394 -17.63 -20.95 8.70
N LEU B 395 -16.48 -20.38 8.33
CA LEU B 395 -15.90 -20.63 7.02
C LEU B 395 -14.55 -21.35 7.01
N GLY B 396 -14.08 -21.84 8.15
CA GLY B 396 -12.78 -22.49 8.17
C GLY B 396 -11.62 -21.52 8.38
N PRO B 397 -10.40 -22.04 8.51
CA PRO B 397 -9.23 -21.23 8.84
C PRO B 397 -8.79 -20.26 7.74
N LEU B 398 -8.17 -19.14 8.10
CA LEU B 398 -7.67 -18.18 7.13
C LEU B 398 -6.39 -18.66 6.45
N PRO B 399 -6.20 -18.30 5.18
CA PRO B 399 -4.99 -18.69 4.43
C PRO B 399 -3.69 -18.16 5.06
N LYS B 400 -2.69 -19.05 5.17
CA LYS B 400 -1.40 -18.73 5.79
C LYS B 400 -0.76 -17.47 5.21
N HIS B 401 -0.94 -17.26 3.90
CA HIS B 401 -0.29 -16.14 3.25
C HIS B 401 -0.94 -14.80 3.63
N MET B 402 -2.24 -14.80 3.84
CA MET B 402 -2.89 -13.57 4.26
C MET B 402 -2.44 -13.31 5.70
N ILE B 403 -2.24 -14.38 6.45
CA ILE B 403 -1.85 -14.25 7.85
C ILE B 403 -0.40 -13.82 7.92
N GLN B 404 0.37 -14.20 6.91
CA GLN B 404 1.77 -13.80 6.83
C GLN B 404 1.91 -12.30 6.54
N LYS B 405 1.18 -11.80 5.54
CA LYS B 405 1.36 -10.41 5.09
C LYS B 405 0.74 -9.38 6.03
N THR B 406 -0.29 -9.76 6.77
CA THR B 406 -1.02 -8.79 7.55
C THR B 406 -0.10 -8.14 8.58
N ARG B 407 -0.26 -6.84 8.76
CA ARG B 407 0.49 -6.11 9.78
C ARG B 407 -0.20 -6.24 11.14
N LYS B 408 -1.21 -7.11 11.22
CA LYS B 408 -1.84 -7.44 12.48
C LYS B 408 -0.86 -8.20 13.35
N ARG B 409 -0.71 -9.49 13.05
CA ARG B 409 0.18 -10.43 13.77
C ARG B 409 -0.25 -10.65 15.21
N LYS B 410 -0.45 -9.54 15.93
CA LYS B 410 -0.94 -9.53 17.31
C LYS B 410 -2.20 -10.37 17.51
N TYR B 411 -2.85 -10.73 16.41
CA TYR B 411 -4.08 -11.48 16.44
C TYR B 411 -3.83 -12.98 16.41
N PHE B 412 -2.90 -13.42 15.56
CA PHE B 412 -2.68 -14.85 15.36
C PHE B 412 -1.45 -15.32 16.15
N HIS B 413 -1.31 -16.64 16.28
CA HIS B 413 -0.18 -17.23 16.99
C HIS B 413 0.40 -18.37 16.18
N HIS B 414 1.63 -18.17 15.71
CA HIS B 414 2.26 -19.10 14.78
C HIS B 414 1.33 -19.36 13.61
N ASP B 415 0.72 -18.26 13.12
CA ASP B 415 -0.11 -18.24 11.92
C ASP B 415 -1.44 -19.02 12.01
N ARG B 416 -1.72 -19.66 13.15
CA ARG B 416 -3.09 -20.12 13.45
C ARG B 416 -3.69 -18.99 14.29
N LEU B 417 -5.02 -18.86 14.37
CA LEU B 417 -5.53 -17.73 15.16
C LEU B 417 -5.77 -18.19 16.59
N ASP B 418 -4.92 -17.68 17.50
CA ASP B 418 -4.99 -17.99 18.93
C ASP B 418 -6.18 -17.27 19.50
N TRP B 419 -7.07 -18.11 19.98
CA TRP B 419 -8.42 -17.76 20.33
C TRP B 419 -9.14 -19.04 20.78
N ASP B 420 -8.99 -19.36 22.06
CA ASP B 420 -9.62 -20.54 22.61
C ASP B 420 -11.10 -20.28 22.83
N GLU B 421 -11.93 -21.28 22.60
CA GLU B 421 -13.37 -21.10 22.79
C GLU B 421 -13.71 -20.78 24.26
N HIS B 422 -13.14 -21.54 25.20
CA HIS B 422 -13.45 -21.41 26.63
C HIS B 422 -13.50 -19.97 27.16
N SER B 423 -12.75 -19.06 26.53
CA SER B 423 -12.82 -17.64 26.87
C SER B 423 -14.27 -17.13 26.88
N SER B 424 -14.53 -16.03 27.57
CA SER B 424 -15.91 -15.54 27.70
C SER B 424 -16.40 -14.87 26.44
N ALA B 425 -15.48 -14.42 25.60
CA ALA B 425 -15.84 -13.97 24.27
C ALA B 425 -16.19 -15.18 23.43
N GLY B 426 -15.52 -16.30 23.70
CA GLY B 426 -15.72 -17.54 22.99
C GLY B 426 -17.06 -18.21 23.24
N ARG B 427 -17.78 -17.74 24.26
CA ARG B 427 -19.12 -18.22 24.56
C ARG B 427 -20.12 -17.57 23.61
N TYR B 428 -19.78 -16.35 23.19
CA TYR B 428 -20.63 -15.59 22.28
C TYR B 428 -20.43 -15.99 20.83
N VAL B 429 -19.26 -16.56 20.52
CA VAL B 429 -18.91 -16.91 19.15
C VAL B 429 -19.20 -18.37 18.86
N SER B 430 -18.82 -19.27 19.76
CA SER B 430 -19.05 -20.69 19.52
C SER B 430 -20.55 -20.97 19.46
N ARG B 431 -21.32 -20.11 20.12
CA ARG B 431 -22.76 -20.21 20.10
C ARG B 431 -23.41 -19.67 18.83
N ALA B 432 -22.94 -18.53 18.36
CA ALA B 432 -23.58 -17.87 17.23
C ALA B 432 -23.11 -18.44 15.90
N CYS B 433 -22.07 -19.25 15.94
CA CYS B 433 -21.39 -19.63 14.71
C CYS B 433 -21.35 -21.13 14.51
N LYS B 434 -21.71 -21.55 13.31
CA LYS B 434 -21.57 -22.94 12.90
C LYS B 434 -21.11 -22.92 11.44
N PRO B 435 -20.54 -24.03 10.96
CA PRO B 435 -20.09 -24.14 9.57
C PRO B 435 -21.15 -23.61 8.61
N LEU B 436 -20.71 -22.95 7.54
CA LEU B 436 -21.60 -22.23 6.64
C LEU B 436 -22.82 -23.02 6.16
N LYS B 437 -22.59 -24.22 5.62
CA LYS B 437 -23.68 -25.00 4.99
C LYS B 437 -24.63 -25.67 5.98
N GLU B 438 -24.38 -25.52 7.27
CA GLU B 438 -25.31 -26.03 8.25
C GLU B 438 -26.29 -24.96 8.72
N PHE B 439 -26.25 -23.80 8.06
CA PHE B 439 -27.25 -22.75 8.21
C PHE B 439 -28.41 -22.96 7.22
N MET B 440 -28.27 -23.96 6.35
CA MET B 440 -29.34 -24.28 5.39
C MET B 440 -30.54 -24.85 6.12
N LEU B 441 -31.73 -24.51 5.64
CA LEU B 441 -32.98 -24.90 6.29
C LEU B 441 -33.70 -25.93 5.46
N SER B 442 -33.06 -26.32 4.38
CA SER B 442 -33.61 -27.33 3.49
C SER B 442 -32.46 -27.90 2.69
N GLN B 443 -32.67 -29.05 2.06
CA GLN B 443 -31.66 -29.57 1.14
C GLN B 443 -32.13 -29.51 -0.29
N ASP B 444 -33.31 -28.94 -0.51
CA ASP B 444 -33.78 -28.61 -1.86
C ASP B 444 -32.64 -28.07 -2.70
N VAL B 445 -32.65 -28.37 -4.00
CA VAL B 445 -31.58 -27.92 -4.89
C VAL B 445 -31.43 -26.40 -4.95
N GLU B 446 -32.54 -25.66 -4.90
CA GLU B 446 -32.43 -24.20 -4.93
C GLU B 446 -31.59 -23.71 -3.76
N HIS B 447 -31.91 -24.22 -2.57
CA HIS B 447 -31.19 -23.80 -1.37
C HIS B 447 -29.69 -24.06 -1.48
N GLU B 448 -29.27 -25.13 -2.12
CA GLU B 448 -27.84 -25.32 -2.14
C GLU B 448 -27.16 -24.57 -3.29
N ARG B 449 -27.91 -24.23 -4.32
CA ARG B 449 -27.35 -23.39 -5.35
C ARG B 449 -27.04 -22.03 -4.75
N LEU B 450 -27.99 -21.53 -3.96
CA LEU B 450 -27.81 -20.29 -3.22
C LEU B 450 -26.56 -20.37 -2.39
N PHE B 451 -26.40 -21.49 -1.68
CA PHE B 451 -25.33 -21.58 -0.70
C PHE B 451 -23.99 -21.83 -1.38
N ASP B 452 -24.03 -22.25 -2.63
CA ASP B 452 -22.83 -22.35 -3.46
C ASP B 452 -22.39 -21.00 -3.98
N LEU B 453 -23.35 -20.16 -4.32
CA LEU B 453 -23.06 -18.79 -4.72
C LEU B 453 -22.48 -18.04 -3.53
N ILE B 454 -23.10 -18.26 -2.36
CA ILE B 454 -22.66 -17.65 -1.11
C ILE B 454 -21.24 -18.11 -0.70
N GLN B 455 -20.97 -19.42 -0.84
CA GLN B 455 -19.66 -19.95 -0.47
C GLN B 455 -18.62 -19.32 -1.42
N LYS B 456 -18.98 -19.19 -2.70
CA LYS B 456 -18.06 -18.61 -3.68
C LYS B 456 -17.82 -17.12 -3.45
N MET B 457 -18.76 -16.45 -2.77
CA MET B 457 -18.61 -15.03 -2.47
C MET B 457 -17.75 -14.83 -1.24
N LEU B 458 -17.85 -15.78 -0.32
CA LEU B 458 -17.08 -15.71 0.91
C LEU B 458 -15.69 -16.35 0.83
N GLU B 459 -15.16 -16.48 -0.37
CA GLU B 459 -13.76 -16.84 -0.56
C GLU B 459 -12.85 -15.87 0.20
N TYR B 460 -11.98 -16.40 1.07
CA TYR B 460 -11.06 -15.54 1.82
C TYR B 460 -10.14 -14.71 0.92
N ASP B 461 -9.39 -15.39 0.05
CA ASP B 461 -8.50 -14.74 -0.89
C ASP B 461 -9.27 -13.97 -1.96
N PRO B 462 -9.23 -12.63 -1.90
CA PRO B 462 -10.01 -11.79 -2.83
C PRO B 462 -9.56 -11.94 -4.28
N ALA B 463 -8.46 -12.66 -4.49
CA ALA B 463 -7.93 -12.90 -5.82
C ALA B 463 -8.56 -14.15 -6.38
N LYS B 464 -9.32 -14.85 -5.55
CA LYS B 464 -9.93 -16.12 -5.94
C LYS B 464 -11.45 -16.02 -5.88
N ARG B 465 -11.91 -15.09 -5.05
CA ARG B 465 -13.32 -14.80 -4.86
C ARG B 465 -14.04 -14.56 -6.18
N ILE B 466 -15.29 -14.95 -6.26
CA ILE B 466 -16.01 -14.85 -7.53
C ILE B 466 -16.20 -13.37 -7.91
N THR B 467 -16.28 -13.07 -9.20
CA THR B 467 -16.62 -11.71 -9.59
C THR B 467 -18.10 -11.62 -9.88
N LEU B 468 -18.63 -10.42 -9.96
CA LEU B 468 -20.06 -10.29 -10.22
C LEU B 468 -20.43 -10.65 -11.67
N ARG B 469 -19.52 -10.39 -12.62
CA ARG B 469 -19.69 -10.85 -14.01
C ARG B 469 -19.96 -12.35 -14.02
N GLU B 470 -19.13 -13.09 -13.27
CA GLU B 470 -19.32 -14.53 -13.09
C GLU B 470 -20.56 -14.88 -12.26
N ALA B 471 -20.78 -14.17 -11.15
CA ALA B 471 -21.86 -14.52 -10.23
C ALA B 471 -23.22 -14.42 -10.91
N LEU B 472 -23.34 -13.43 -11.79
CA LEU B 472 -24.57 -13.21 -12.54
C LEU B 472 -24.93 -14.39 -13.44
N LYS B 473 -23.94 -15.21 -13.77
CA LYS B 473 -24.10 -16.37 -14.67
C LYS B 473 -24.44 -17.65 -13.91
N HIS B 474 -23.95 -17.74 -12.68
CA HIS B 474 -24.26 -18.82 -11.73
C HIS B 474 -25.70 -19.38 -11.83
N PRO B 475 -25.85 -20.69 -11.71
CA PRO B 475 -27.14 -21.39 -11.82
C PRO B 475 -28.24 -20.84 -10.92
N PHE B 476 -27.91 -20.49 -9.68
CA PHE B 476 -28.92 -19.95 -8.76
C PHE B 476 -29.90 -18.96 -9.43
N PHE B 477 -29.42 -18.21 -10.44
CA PHE B 477 -30.23 -17.22 -11.11
C PHE B 477 -31.03 -17.77 -12.28
N ASP B 478 -30.78 -19.02 -12.61
CA ASP B 478 -31.34 -19.67 -13.80
C ASP B 478 -32.84 -19.42 -13.94
N LEU B 479 -33.62 -19.63 -12.88
CA LEU B 479 -35.07 -19.60 -13.02
C LEU B 479 -35.60 -18.24 -13.49
N LEU B 480 -34.79 -17.20 -13.35
CA LEU B 480 -35.21 -15.85 -13.74
C LEU B 480 -35.14 -15.65 -15.25
N LYS B 481 -34.50 -16.58 -15.96
CA LYS B 481 -34.37 -16.49 -17.41
C LYS B 481 -34.82 -17.77 -18.10
N LYS B 482 -35.97 -17.74 -18.78
CA LYS B 482 -36.43 -18.90 -19.55
C LYS B 482 -37.06 -18.46 -20.86
N ILE C 150 13.21 -26.30 -35.52
CA ILE C 150 12.14 -27.28 -35.70
C ILE C 150 11.14 -27.23 -34.54
N CYS C 151 10.76 -26.02 -34.14
CA CYS C 151 9.79 -25.85 -33.05
C CYS C 151 8.38 -25.63 -33.61
N GLN C 152 7.89 -26.59 -34.40
CA GLN C 152 6.66 -26.45 -35.19
C GLN C 152 5.36 -26.55 -34.41
N SER C 153 4.35 -25.82 -34.88
CA SER C 153 3.05 -25.79 -34.20
C SER C 153 2.37 -27.15 -34.14
N GLY C 154 2.42 -27.73 -32.95
CA GLY C 154 1.67 -28.94 -32.69
C GLY C 154 2.49 -29.84 -31.80
N ASP C 155 3.80 -29.61 -31.82
CA ASP C 155 4.77 -30.34 -31.00
C ASP C 155 4.37 -30.37 -29.54
N VAL C 156 5.09 -31.16 -28.74
CA VAL C 156 4.84 -31.20 -27.31
C VAL C 156 6.16 -31.32 -26.55
N LEU C 157 6.60 -30.20 -25.98
CA LEU C 157 7.80 -30.18 -25.16
C LEU C 157 7.54 -30.94 -23.87
N SER C 158 8.53 -31.70 -23.39
CA SER C 158 8.47 -32.28 -22.04
C SER C 158 7.15 -32.98 -21.74
N ALA C 159 6.52 -33.47 -22.80
CA ALA C 159 5.22 -34.13 -22.72
C ALA C 159 4.14 -33.31 -22.04
N ARG C 160 4.31 -32.00 -21.93
CA ARG C 160 3.27 -31.21 -21.28
C ARG C 160 2.77 -30.04 -22.12
N TYR C 161 3.70 -29.28 -22.68
CA TYR C 161 3.34 -28.05 -23.37
C TYR C 161 3.13 -28.26 -24.86
N GLU C 162 1.96 -27.89 -25.36
CA GLU C 162 1.66 -28.09 -26.77
C GLU C 162 1.72 -26.78 -27.53
N ILE C 163 2.76 -26.63 -28.35
CA ILE C 163 2.97 -25.42 -29.12
C ILE C 163 1.78 -25.17 -30.02
N VAL C 164 1.21 -23.97 -29.99
CA VAL C 164 0.13 -23.68 -30.91
C VAL C 164 0.33 -22.37 -31.67
N ASP C 165 1.46 -21.70 -31.42
CA ASP C 165 1.75 -20.41 -32.03
C ASP C 165 3.18 -19.95 -31.75
N THR C 166 3.85 -19.35 -32.75
CA THR C 166 5.14 -18.70 -32.49
C THR C 166 4.96 -17.21 -32.24
N LEU C 167 5.27 -16.78 -31.02
CA LEU C 167 5.09 -15.38 -30.60
C LEU C 167 6.26 -14.50 -31.05
N GLY C 168 7.47 -15.04 -30.94
CA GLY C 168 8.65 -14.31 -31.36
C GLY C 168 9.86 -15.16 -31.66
N GLU C 169 10.75 -14.62 -32.49
CA GLU C 169 12.02 -15.26 -32.79
C GLU C 169 13.12 -14.30 -32.42
N GLY C 170 14.33 -14.81 -32.28
CA GLY C 170 15.48 -13.99 -31.96
C GLY C 170 16.76 -14.74 -32.22
N ALA C 171 17.90 -14.07 -32.09
CA ALA C 171 19.18 -14.70 -32.33
C ALA C 171 19.48 -15.75 -31.25
N PHE C 172 18.88 -15.60 -30.08
CA PHE C 172 19.06 -16.56 -29.00
C PHE C 172 18.27 -17.83 -29.24
N GLY C 173 17.14 -17.68 -29.92
CA GLY C 173 16.12 -18.70 -29.99
C GLY C 173 14.76 -18.08 -30.29
N LYS C 174 13.72 -18.45 -29.56
CA LYS C 174 12.37 -18.04 -29.92
C LYS C 174 11.36 -18.32 -28.83
N VAL C 175 10.24 -17.62 -28.88
CA VAL C 175 9.24 -17.76 -27.84
C VAL C 175 7.97 -18.28 -28.46
N VAL C 176 7.33 -19.21 -27.79
CA VAL C 176 6.13 -19.80 -28.35
C VAL C 176 5.02 -19.75 -27.32
N GLU C 177 3.79 -19.85 -27.82
CA GLU C 177 2.62 -20.00 -26.98
C GLU C 177 2.30 -21.48 -26.86
N CYS C 178 1.97 -21.92 -25.65
CA CYS C 178 1.67 -23.33 -25.42
C CYS C 178 0.44 -23.51 -24.56
N ILE C 179 -0.02 -24.75 -24.49
CA ILE C 179 -1.14 -25.12 -23.66
C ILE C 179 -0.61 -26.01 -22.56
N ASP C 180 -0.81 -25.60 -21.32
CA ASP C 180 -0.30 -26.34 -20.19
C ASP C 180 -1.27 -27.45 -19.81
N HIS C 181 -1.18 -28.56 -20.53
CA HIS C 181 -1.87 -29.77 -20.13
C HIS C 181 -1.40 -30.12 -18.70
N LYS C 182 -2.30 -30.71 -17.91
CA LYS C 182 -2.10 -30.99 -16.47
C LYS C 182 -2.11 -29.72 -15.59
N ALA C 183 -2.45 -28.58 -16.18
CA ALA C 183 -2.75 -27.39 -15.39
C ALA C 183 -3.96 -26.69 -15.99
N GLY C 184 -4.95 -27.51 -16.34
CA GLY C 184 -6.23 -27.01 -16.80
C GLY C 184 -6.16 -26.25 -18.10
N GLY C 185 -5.49 -26.83 -19.09
CA GLY C 185 -5.41 -26.24 -20.42
C GLY C 185 -4.97 -24.80 -20.44
N ARG C 186 -4.25 -24.39 -19.40
CA ARG C 186 -3.89 -22.98 -19.23
C ARG C 186 -2.74 -22.62 -20.16
N HIS C 187 -2.77 -21.39 -20.70
CA HIS C 187 -1.77 -20.98 -21.69
C HIS C 187 -0.57 -20.30 -21.06
N VAL C 188 0.61 -20.78 -21.40
CA VAL C 188 1.87 -20.25 -20.93
C VAL C 188 2.65 -19.71 -22.13
N ALA C 189 3.85 -19.19 -21.88
CA ALA C 189 4.76 -18.86 -22.96
C ALA C 189 6.07 -19.59 -22.73
N VAL C 190 6.67 -20.12 -23.79
CA VAL C 190 7.94 -20.84 -23.61
C VAL C 190 9.06 -20.20 -24.41
N LYS C 191 10.19 -20.03 -23.76
CA LYS C 191 11.39 -19.55 -24.42
C LYS C 191 12.26 -20.76 -24.75
N ILE C 192 12.79 -20.82 -25.96
CA ILE C 192 13.59 -21.97 -26.37
C ILE C 192 14.93 -21.54 -26.96
N VAL C 193 15.99 -21.75 -26.21
CA VAL C 193 17.31 -21.27 -26.60
C VAL C 193 18.07 -22.27 -27.49
N LYS C 194 18.80 -21.74 -28.45
CA LYS C 194 19.54 -22.55 -29.42
C LYS C 194 20.65 -23.40 -28.77
N ASN C 195 21.04 -24.46 -29.47
CA ASN C 195 22.15 -25.32 -29.04
C ASN C 195 23.49 -24.61 -28.81
N VAL C 196 23.70 -23.46 -29.46
CA VAL C 196 24.94 -22.68 -29.33
C VAL C 196 25.32 -22.42 -27.87
N ASP C 197 26.62 -22.50 -27.57
CA ASP C 197 27.14 -22.35 -26.22
C ASP C 197 26.78 -21.01 -25.57
N ARG C 198 27.09 -19.91 -26.27
CA ARG C 198 26.88 -18.56 -25.78
C ARG C 198 25.43 -18.39 -25.33
N TYR C 199 24.49 -18.65 -26.23
CA TYR C 199 23.08 -18.47 -25.92
C TYR C 199 22.62 -19.48 -24.86
N CYS C 200 23.14 -20.70 -24.94
CA CYS C 200 22.68 -21.75 -24.05
C CYS C 200 23.05 -21.42 -22.60
N GLU C 201 24.03 -20.57 -22.36
CA GLU C 201 24.44 -20.33 -20.97
C GLU C 201 23.89 -18.98 -20.50
N ALA C 202 23.87 -18.01 -21.42
CA ALA C 202 23.06 -16.80 -21.26
C ALA C 202 21.70 -17.15 -20.65
N ALA C 203 21.18 -18.31 -21.06
CA ALA C 203 19.90 -18.79 -20.55
C ALA C 203 20.02 -19.39 -19.15
N ARG C 204 21.23 -19.79 -18.73
CA ARG C 204 21.37 -20.37 -17.41
C ARG C 204 21.66 -19.31 -16.38
N SER C 205 22.42 -18.30 -16.76
CA SER C 205 22.57 -17.12 -15.90
C SER C 205 21.23 -16.46 -15.65
N GLU C 206 20.41 -16.45 -16.68
CA GLU C 206 19.05 -15.90 -16.58
C GLU C 206 18.19 -16.63 -15.53
N ILE C 207 18.21 -17.95 -15.55
CA ILE C 207 17.36 -18.79 -14.70
C ILE C 207 17.65 -18.52 -13.21
N GLN C 208 18.89 -18.18 -12.90
CA GLN C 208 19.29 -18.03 -11.53
C GLN C 208 18.77 -16.71 -11.02
N VAL C 209 19.00 -15.62 -11.77
CA VAL C 209 18.37 -14.31 -11.51
C VAL C 209 16.84 -14.39 -11.43
N LEU C 210 16.19 -15.08 -12.37
CA LEU C 210 14.73 -15.23 -12.33
C LEU C 210 14.26 -15.96 -11.07
N GLU C 211 15.00 -17.01 -10.68
CA GLU C 211 14.68 -17.78 -9.48
C GLU C 211 14.74 -16.90 -8.22
N HIS C 212 15.84 -16.17 -8.09
CA HIS C 212 16.00 -15.13 -7.10
C HIS C 212 14.78 -14.24 -7.09
N LEU C 213 14.48 -13.65 -8.26
CA LEU C 213 13.36 -12.71 -8.37
C LEU C 213 12.00 -13.37 -8.37
N ASN C 214 11.91 -14.58 -7.84
CA ASN C 214 10.64 -15.27 -7.72
C ASN C 214 10.48 -15.82 -6.31
N THR C 215 11.63 -16.12 -5.68
CA THR C 215 11.64 -16.38 -4.26
C THR C 215 11.45 -15.03 -3.58
N THR C 216 12.44 -14.16 -3.75
CA THR C 216 12.48 -12.84 -3.14
C THR C 216 11.17 -12.10 -3.28
N ASP C 217 10.62 -12.11 -4.48
CA ASP C 217 9.30 -11.58 -4.73
C ASP C 217 8.44 -12.69 -5.30
N PRO C 218 7.66 -13.35 -4.43
CA PRO C 218 6.76 -14.45 -4.80
C PRO C 218 5.87 -14.16 -6.02
N ASN C 219 4.84 -13.32 -5.85
CA ASN C 219 3.89 -13.11 -6.94
C ASN C 219 3.93 -11.74 -7.62
N SER C 220 5.10 -11.39 -8.14
CA SER C 220 5.21 -10.40 -9.21
C SER C 220 4.57 -9.09 -8.85
N THR C 221 4.84 -8.63 -7.63
CA THR C 221 4.33 -7.35 -7.12
C THR C 221 4.97 -6.20 -7.87
N PHE C 222 6.22 -6.41 -8.23
CA PHE C 222 7.02 -5.37 -8.87
C PHE C 222 7.15 -5.52 -10.40
N ARG C 223 6.34 -6.41 -10.97
CA ARG C 223 6.17 -6.51 -12.41
C ARG C 223 7.37 -7.03 -13.22
N CYS C 224 8.19 -7.87 -12.60
CA CYS C 224 9.12 -8.66 -13.36
C CYS C 224 8.36 -9.86 -13.90
N VAL C 225 8.67 -10.29 -15.12
CA VAL C 225 7.98 -11.44 -15.74
C VAL C 225 8.15 -12.68 -14.86
N GLN C 226 7.08 -13.45 -14.75
CA GLN C 226 7.08 -14.60 -13.85
C GLN C 226 7.47 -15.92 -14.52
N MET C 227 8.65 -16.42 -14.19
CA MET C 227 9.07 -17.73 -14.70
C MET C 227 8.45 -18.88 -13.92
N LEU C 228 7.61 -19.67 -14.57
CA LEU C 228 6.92 -20.74 -13.88
C LEU C 228 7.78 -21.99 -13.68
N GLU C 229 8.59 -22.33 -14.68
CA GLU C 229 9.30 -23.62 -14.73
C GLU C 229 10.32 -23.63 -15.89
N TRP C 230 11.39 -24.43 -15.76
CA TRP C 230 12.27 -24.69 -16.91
C TRP C 230 12.54 -26.18 -17.10
N PHE C 231 13.12 -26.53 -18.25
CA PHE C 231 13.45 -27.93 -18.55
C PHE C 231 14.31 -28.07 -19.80
N GLU C 232 15.22 -29.05 -19.79
CA GLU C 232 16.01 -29.33 -20.98
C GLU C 232 15.16 -30.18 -21.90
N HIS C 233 15.37 -30.02 -23.21
CA HIS C 233 14.56 -30.74 -24.19
C HIS C 233 15.32 -30.85 -25.48
N HIS C 234 15.71 -32.08 -25.81
CA HIS C 234 16.52 -32.40 -26.98
C HIS C 234 17.71 -31.45 -27.10
N GLY C 235 18.32 -31.16 -25.95
CA GLY C 235 19.50 -30.31 -25.92
C GLY C 235 19.20 -28.82 -25.88
N HIS C 236 17.94 -28.45 -25.71
CA HIS C 236 17.51 -27.04 -25.65
C HIS C 236 16.89 -26.64 -24.32
N ILE C 237 17.53 -25.69 -23.65
CA ILE C 237 16.92 -25.06 -22.48
C ILE C 237 15.60 -24.40 -22.83
N CYS C 238 14.56 -24.74 -22.09
CA CYS C 238 13.24 -24.15 -22.31
C CYS C 238 12.77 -23.50 -21.02
N ILE C 239 12.45 -22.21 -21.07
CA ILE C 239 11.95 -21.49 -19.89
C ILE C 239 10.48 -21.10 -20.08
N VAL C 240 9.66 -21.46 -19.10
CA VAL C 240 8.22 -21.26 -19.16
C VAL C 240 7.79 -20.03 -18.37
N PHE C 241 7.03 -19.16 -19.02
CA PHE C 241 6.61 -17.89 -18.41
C PHE C 241 5.11 -17.78 -18.45
N GLU C 242 4.61 -16.88 -17.62
CA GLU C 242 3.25 -16.42 -17.76
C GLU C 242 3.03 -15.86 -19.16
N LEU C 243 1.85 -16.11 -19.73
CA LEU C 243 1.56 -15.59 -21.04
C LEU C 243 1.11 -14.10 -20.98
N LEU C 244 1.97 -13.22 -21.50
CA LEU C 244 1.66 -11.81 -21.63
C LEU C 244 1.14 -11.50 -23.03
N GLY C 245 1.11 -10.23 -23.39
CA GLY C 245 0.71 -9.83 -24.72
C GLY C 245 1.89 -9.26 -25.47
N LEU C 246 1.61 -8.43 -26.47
CA LEU C 246 2.63 -7.73 -27.27
C LEU C 246 3.64 -6.93 -26.45
N SER C 247 4.88 -6.86 -26.93
CA SER C 247 5.87 -5.97 -26.32
C SER C 247 5.47 -4.51 -26.60
N THR C 248 6.04 -3.54 -25.90
CA THR C 248 5.61 -2.15 -26.12
C THR C 248 6.07 -1.70 -27.51
N TYR C 249 7.19 -2.24 -27.97
CA TYR C 249 7.72 -1.92 -29.29
C TYR C 249 6.90 -2.53 -30.42
N ASP C 250 6.32 -3.69 -30.20
CA ASP C 250 5.56 -4.34 -31.25
C ASP C 250 4.25 -3.61 -31.44
N PHE C 251 3.64 -3.21 -30.34
CA PHE C 251 2.44 -2.39 -30.35
C PHE C 251 2.67 -1.09 -31.10
N ILE C 252 3.76 -0.40 -30.79
CA ILE C 252 4.13 0.78 -31.58
C ILE C 252 4.29 0.43 -33.06
N LYS C 253 5.12 -0.58 -33.37
CA LYS C 253 5.35 -1.01 -34.75
C LYS C 253 4.07 -1.41 -35.48
N GLU C 254 3.25 -2.24 -34.86
CA GLU C 254 1.98 -2.64 -35.46
C GLU C 254 1.07 -1.45 -35.64
N ASN C 255 1.32 -0.38 -34.88
CA ASN C 255 0.44 0.79 -34.91
C ASN C 255 0.94 1.87 -35.85
N GLY C 256 1.98 1.55 -36.59
CA GLY C 256 2.46 2.42 -37.63
C GLY C 256 3.44 3.43 -37.11
N PHE C 257 4.10 3.09 -36.01
CA PHE C 257 5.05 3.99 -35.40
C PHE C 257 4.42 5.34 -35.03
N LEU C 258 3.36 5.26 -34.23
CA LEU C 258 2.77 6.41 -33.56
C LEU C 258 2.97 6.17 -32.05
N PRO C 259 3.03 7.26 -31.26
CA PRO C 259 3.27 7.14 -29.81
C PRO C 259 2.04 6.72 -29.00
N PHE C 260 2.21 6.59 -27.68
CA PHE C 260 1.12 6.31 -26.77
C PHE C 260 0.53 7.63 -26.29
N ARG C 261 -0.70 7.59 -25.77
CA ARG C 261 -1.25 8.75 -25.08
C ARG C 261 -0.41 9.03 -23.84
N LEU C 262 -0.24 10.31 -23.50
CA LEU C 262 0.66 10.72 -22.42
C LEU C 262 0.35 10.09 -21.06
N ASP C 263 -0.92 9.84 -20.79
CA ASP C 263 -1.28 9.23 -19.51
C ASP C 263 -0.99 7.72 -19.48
N HIS C 264 -1.15 7.04 -20.61
CA HIS C 264 -0.66 5.67 -20.78
C HIS C 264 0.82 5.59 -20.45
N ILE C 265 1.59 6.44 -21.12
CA ILE C 265 2.98 6.65 -20.76
C ILE C 265 3.21 6.90 -19.26
N ARG C 266 2.42 7.79 -18.65
CA ARG C 266 2.64 8.16 -17.25
C ARG C 266 2.59 6.96 -16.31
N LYS C 267 1.59 6.08 -16.51
CA LYS C 267 1.44 4.81 -15.76
C LYS C 267 2.51 3.78 -16.09
N MET C 268 2.68 3.51 -17.38
CA MET C 268 3.71 2.60 -17.86
C MET C 268 5.08 2.96 -17.32
N ALA C 269 5.43 4.23 -17.46
CA ALA C 269 6.72 4.69 -16.98
C ALA C 269 6.86 4.47 -15.47
N TYR C 270 5.72 4.49 -14.77
CA TYR C 270 5.76 4.33 -13.32
C TYR C 270 6.01 2.90 -12.98
N GLN C 271 5.28 2.00 -13.65
CA GLN C 271 5.50 0.56 -13.48
C GLN C 271 6.92 0.16 -13.88
N ILE C 272 7.43 0.70 -14.98
CA ILE C 272 8.80 0.39 -15.41
C ILE C 272 9.80 0.81 -14.34
N CYS C 273 9.77 2.10 -14.01
CA CYS C 273 10.64 2.69 -13.00
C CYS C 273 10.53 1.96 -11.66
N LYS C 274 9.29 1.62 -11.28
CA LYS C 274 9.06 0.88 -10.05
C LYS C 274 9.73 -0.49 -10.13
N SER C 275 9.57 -1.16 -11.26
CA SER C 275 10.13 -2.50 -11.46
C SER C 275 11.65 -2.51 -11.42
N VAL C 276 12.28 -1.71 -12.26
CA VAL C 276 13.74 -1.70 -12.34
C VAL C 276 14.37 -1.21 -11.03
N ASN C 277 13.63 -0.37 -10.32
CA ASN C 277 14.10 0.12 -9.03
C ASN C 277 14.18 -1.03 -8.02
N PHE C 278 13.19 -1.92 -8.08
CA PHE C 278 13.24 -3.17 -7.31
C PHE C 278 14.45 -4.04 -7.68
N LEU C 279 14.78 -4.07 -8.96
CA LEU C 279 16.02 -4.71 -9.41
C LEU C 279 17.19 -4.06 -8.69
N HIS C 280 17.31 -2.74 -8.83
CA HIS C 280 18.37 -1.97 -8.21
C HIS C 280 18.42 -2.22 -6.71
N SER C 281 17.22 -2.31 -6.12
CA SER C 281 17.09 -2.66 -4.71
C SER C 281 17.84 -3.94 -4.36
N ASN C 282 17.55 -5.03 -5.07
CA ASN C 282 18.20 -6.31 -4.80
C ASN C 282 19.55 -6.47 -5.52
N LYS C 283 20.28 -5.37 -5.62
CA LYS C 283 21.66 -5.38 -6.09
C LYS C 283 21.80 -5.95 -7.50
N LEU C 284 20.94 -5.49 -8.41
CA LEU C 284 20.93 -5.96 -9.80
C LEU C 284 20.96 -4.82 -10.82
N THR C 285 21.53 -5.08 -11.98
CA THR C 285 21.38 -4.18 -13.13
C THR C 285 20.95 -4.94 -14.38
N HIS C 286 19.75 -4.62 -14.87
CA HIS C 286 19.17 -5.28 -16.05
C HIS C 286 20.11 -5.22 -17.24
N THR C 287 20.55 -4.02 -17.62
CA THR C 287 21.61 -3.83 -18.62
C THR C 287 21.07 -3.72 -20.04
N ASP C 288 19.86 -4.22 -20.25
CA ASP C 288 19.31 -4.25 -21.58
C ASP C 288 17.87 -3.76 -21.63
N LEU C 289 17.57 -2.63 -20.99
CA LEU C 289 16.21 -2.13 -21.03
C LEU C 289 15.97 -1.46 -22.37
N LYS C 290 14.79 -1.69 -22.93
CA LYS C 290 14.42 -1.14 -24.22
C LYS C 290 12.95 -1.54 -24.43
N PRO C 291 12.24 -0.92 -25.39
CA PRO C 291 10.80 -1.23 -25.49
C PRO C 291 10.50 -2.70 -25.82
N GLU C 292 11.35 -3.35 -26.62
CA GLU C 292 11.21 -4.79 -26.91
C GLU C 292 11.10 -5.64 -25.66
N ASN C 293 11.76 -5.22 -24.58
CA ASN C 293 11.76 -5.98 -23.32
C ASN C 293 10.76 -5.46 -22.28
N ILE C 294 9.89 -4.56 -22.69
CA ILE C 294 8.73 -4.19 -21.88
C ILE C 294 7.50 -4.72 -22.57
N LEU C 295 6.66 -5.46 -21.86
CA LEU C 295 5.56 -6.15 -22.51
C LEU C 295 4.23 -5.82 -21.85
N PHE C 296 3.16 -5.67 -22.63
CA PHE C 296 1.84 -5.49 -22.02
C PHE C 296 1.29 -6.81 -21.53
N VAL C 297 0.79 -6.81 -20.30
CA VAL C 297 0.07 -7.96 -19.74
C VAL C 297 -1.11 -8.36 -20.63
N GLN C 298 -1.74 -7.37 -21.23
CA GLN C 298 -2.70 -7.63 -22.31
C GLN C 298 -2.68 -6.45 -23.28
N SER C 299 -2.36 -6.74 -24.53
CA SER C 299 -2.24 -5.67 -25.52
C SER C 299 -3.53 -5.51 -26.34
N ASP C 300 -4.65 -5.94 -25.75
CA ASP C 300 -5.99 -5.72 -26.32
C ASP C 300 -6.15 -4.26 -26.69
N TYR C 301 -6.99 -3.99 -27.69
CA TYR C 301 -7.22 -2.61 -28.12
C TYR C 301 -8.53 -2.44 -28.89
N THR C 302 -9.11 -1.26 -28.78
CA THR C 302 -10.21 -0.89 -29.65
C THR C 302 -9.64 -0.12 -30.85
N GLU C 303 -10.43 -0.07 -31.92
CA GLU C 303 -10.00 0.56 -33.17
C GLU C 303 -11.17 1.30 -33.85
N ALA C 304 -11.09 2.64 -33.91
CA ALA C 304 -12.13 3.45 -34.57
C ALA C 304 -11.59 4.20 -35.80
N TYR C 305 -12.37 5.13 -36.35
CA TYR C 305 -11.99 5.84 -37.57
C TYR C 305 -11.51 7.27 -37.34
N ASN C 306 -10.97 7.89 -38.39
CA ASN C 306 -10.47 9.26 -38.34
C ASN C 306 -11.61 10.28 -38.37
N ASP C 312 -8.57 5.55 -39.35
CA ASP C 312 -8.48 4.27 -38.66
C ASP C 312 -7.37 4.26 -37.61
N GLU C 313 -7.75 4.21 -36.32
CA GLU C 313 -6.82 4.39 -35.20
C GLU C 313 -6.99 3.37 -34.05
N ARG C 314 -5.90 2.72 -33.67
CA ARG C 314 -5.90 1.74 -32.57
C ARG C 314 -5.80 2.41 -31.20
N THR C 315 -6.37 1.77 -30.17
CA THR C 315 -6.37 2.36 -28.84
C THR C 315 -6.17 1.33 -27.73
N LEU C 316 -5.01 1.39 -27.07
CA LEU C 316 -4.73 0.56 -25.89
C LEU C 316 -5.86 0.57 -24.89
N ILE C 317 -6.36 -0.61 -24.54
CA ILE C 317 -7.27 -0.75 -23.42
C ILE C 317 -6.50 -0.61 -22.11
N ASN C 318 -5.63 -1.58 -21.86
CA ASN C 318 -4.88 -1.63 -20.62
C ASN C 318 -3.39 -1.35 -20.83
N PRO C 319 -2.80 -0.50 -19.97
CA PRO C 319 -1.38 -0.14 -20.08
C PRO C 319 -0.44 -0.85 -19.09
N ASP C 320 -0.95 -1.83 -18.35
CA ASP C 320 -0.12 -2.65 -17.47
C ASP C 320 1.05 -3.30 -18.21
N ILE C 321 2.26 -3.24 -17.65
CA ILE C 321 3.41 -3.91 -18.26
C ILE C 321 4.22 -4.80 -17.31
N LYS C 322 5.07 -5.63 -17.89
CA LYS C 322 6.10 -6.34 -17.14
C LYS C 322 7.43 -6.22 -17.87
N VAL C 323 8.51 -6.20 -17.10
CA VAL C 323 9.87 -6.24 -17.63
C VAL C 323 10.23 -7.72 -17.86
N VAL C 324 10.98 -8.05 -18.93
CA VAL C 324 11.16 -9.47 -19.27
C VAL C 324 12.57 -10.04 -19.41
N ASP C 325 13.49 -9.37 -20.08
CA ASP C 325 14.72 -10.09 -20.50
C ASP C 325 15.83 -10.03 -19.44
N PHE C 326 16.11 -11.14 -18.77
CA PHE C 326 17.10 -11.06 -17.70
C PHE C 326 18.40 -11.82 -17.97
N GLY C 327 18.67 -12.12 -19.24
CA GLY C 327 19.86 -12.85 -19.61
C GLY C 327 21.15 -12.05 -19.61
N SER C 328 21.05 -10.77 -19.27
CA SER C 328 22.23 -9.91 -19.22
C SER C 328 22.37 -9.31 -17.82
N ALA C 329 21.37 -9.53 -16.98
CA ALA C 329 21.31 -8.96 -15.64
C ALA C 329 22.61 -9.19 -14.88
N THR C 330 23.01 -8.25 -14.04
CA THR C 330 24.31 -8.37 -13.44
C THR C 330 24.30 -7.91 -12.01
N TYR C 331 24.83 -8.77 -11.14
CA TYR C 331 24.91 -8.48 -9.72
C TYR C 331 26.02 -7.48 -9.43
N ASP C 332 25.86 -6.71 -8.35
CA ASP C 332 26.88 -5.75 -7.93
C ASP C 332 28.26 -6.39 -7.78
N ASP C 333 28.32 -7.54 -7.10
CA ASP C 333 29.58 -8.23 -6.85
C ASP C 333 30.14 -8.93 -8.10
N GLU C 334 29.38 -8.95 -9.18
CA GLU C 334 29.81 -9.63 -10.41
C GLU C 334 30.86 -8.81 -11.11
N HIS C 335 31.59 -9.44 -12.02
CA HIS C 335 32.57 -8.73 -12.85
C HIS C 335 31.84 -7.89 -13.94
N HIS C 336 32.10 -6.59 -14.13
CA HIS C 336 31.46 -5.97 -15.27
C HIS C 336 32.49 -5.68 -16.36
N SER C 337 32.18 -6.01 -17.61
CA SER C 337 33.06 -5.80 -18.77
C SER C 337 32.47 -4.83 -19.77
N THR C 338 32.75 -5.06 -21.06
CA THR C 338 32.24 -4.16 -22.11
C THR C 338 31.25 -4.80 -23.11
N LEU C 339 30.13 -4.10 -23.28
CA LEU C 339 28.86 -4.56 -23.85
C LEU C 339 28.76 -4.36 -25.37
N VAL C 340 27.88 -5.11 -26.03
CA VAL C 340 27.70 -4.95 -27.48
C VAL C 340 26.28 -4.52 -27.82
N SER C 341 25.39 -5.51 -27.86
CA SER C 341 23.97 -5.30 -28.11
C SER C 341 23.24 -4.83 -26.84
N THR C 342 22.52 -3.71 -26.88
CA THR C 342 22.25 -2.96 -28.11
C THR C 342 22.54 -1.46 -27.92
N ARG C 343 23.15 -0.84 -28.95
CA ARG C 343 23.71 0.51 -28.82
C ARG C 343 22.71 1.61 -28.51
N HIS C 344 21.50 1.50 -29.06
CA HIS C 344 20.50 2.59 -28.97
C HIS C 344 20.27 3.14 -27.55
N TYR C 345 20.40 2.27 -26.54
CA TYR C 345 20.12 2.65 -25.16
C TYR C 345 21.37 2.50 -24.29
N ARG C 346 22.52 2.40 -24.95
CA ARG C 346 23.81 2.37 -24.28
C ARG C 346 24.18 3.76 -23.77
N ALA C 347 24.20 3.91 -22.45
CA ALA C 347 24.64 5.14 -21.80
C ALA C 347 26.06 5.52 -22.23
N PRO C 348 26.40 6.82 -22.16
CA PRO C 348 27.72 7.30 -22.57
C PRO C 348 28.88 6.62 -21.85
N GLU C 349 28.72 6.35 -20.56
CA GLU C 349 29.73 5.70 -19.74
C GLU C 349 30.08 4.30 -20.28
N VAL C 350 29.09 3.66 -20.88
CA VAL C 350 29.24 2.32 -21.41
C VAL C 350 29.98 2.37 -22.72
N ILE C 351 29.80 3.47 -23.46
CA ILE C 351 30.36 3.64 -24.80
C ILE C 351 31.78 4.14 -24.71
N LEU C 352 32.06 4.92 -23.68
CA LEU C 352 33.39 5.43 -23.48
C LEU C 352 34.19 4.51 -22.55
N ALA C 353 33.53 3.43 -22.12
CA ALA C 353 34.13 2.45 -21.22
C ALA C 353 34.67 3.15 -19.97
N LEU C 354 33.76 3.59 -19.11
CA LEU C 354 34.15 4.23 -17.88
C LEU C 354 33.54 3.46 -16.72
N GLY C 355 33.15 2.21 -17.01
CA GLY C 355 32.50 1.38 -16.01
C GLY C 355 31.08 1.81 -15.72
N TRP C 356 30.18 0.85 -15.67
CA TRP C 356 28.78 1.11 -15.54
C TRP C 356 28.14 0.31 -14.41
N SER C 357 26.99 0.79 -13.93
CA SER C 357 26.11 0.00 -13.08
C SER C 357 24.73 0.58 -13.11
N GLN C 358 24.01 0.51 -11.99
CA GLN C 358 22.62 0.97 -11.91
C GLN C 358 22.28 2.23 -12.72
N PRO C 359 23.10 3.30 -12.65
CA PRO C 359 22.76 4.50 -13.44
C PRO C 359 22.45 4.25 -14.94
N CYS C 360 23.03 3.21 -15.56
CA CYS C 360 22.91 3.04 -17.01
C CYS C 360 21.53 2.49 -17.41
N ASP C 361 20.82 1.89 -16.45
CA ASP C 361 19.42 1.52 -16.64
C ASP C 361 18.57 2.79 -16.71
N VAL C 362 18.89 3.75 -15.84
CA VAL C 362 18.18 5.02 -15.81
C VAL C 362 18.31 5.70 -17.17
N TRP C 363 19.51 5.68 -17.73
CA TRP C 363 19.72 6.22 -19.08
C TRP C 363 18.85 5.51 -20.12
N SER C 364 18.72 4.19 -20.02
CA SER C 364 17.92 3.45 -20.96
C SER C 364 16.45 3.80 -20.82
N ILE C 365 15.98 3.90 -19.58
CA ILE C 365 14.59 4.26 -19.34
C ILE C 365 14.30 5.66 -19.91
N GLY C 366 15.27 6.55 -19.78
CA GLY C 366 15.24 7.84 -20.45
C GLY C 366 14.91 7.71 -21.93
N CYS C 367 15.56 6.75 -22.57
CA CYS C 367 15.43 6.56 -24.02
C CYS C 367 14.08 5.98 -24.42
N ILE C 368 13.49 5.21 -23.52
CA ILE C 368 12.23 4.54 -23.80
C ILE C 368 11.10 5.54 -23.71
N LEU C 369 11.18 6.40 -22.70
CA LEU C 369 10.22 7.48 -22.50
C LEU C 369 10.08 8.39 -23.72
N ILE C 370 11.20 8.78 -24.31
CA ILE C 370 11.09 9.62 -25.49
C ILE C 370 10.44 8.87 -26.68
N GLU C 371 10.72 7.56 -26.82
CA GLU C 371 10.14 6.77 -27.90
C GLU C 371 8.66 6.57 -27.71
N TYR C 372 8.24 6.38 -26.48
CA TYR C 372 6.83 6.29 -26.16
C TYR C 372 6.11 7.58 -26.49
N TYR C 373 6.85 8.69 -26.40
CA TYR C 373 6.29 10.00 -26.59
C TYR C 373 6.36 10.44 -28.05
N LEU C 374 7.36 9.92 -28.76
CA LEU C 374 7.56 10.30 -30.14
C LEU C 374 7.08 9.22 -31.10
N GLY C 375 7.23 7.95 -30.73
CA GLY C 375 6.83 6.85 -31.58
C GLY C 375 8.04 6.20 -32.24
N PHE C 376 9.15 6.91 -32.20
CA PHE C 376 10.36 6.46 -32.87
C PHE C 376 11.56 6.53 -31.91
N THR C 377 12.75 6.22 -32.42
CA THR C 377 13.97 6.27 -31.61
C THR C 377 14.81 7.51 -31.87
N VAL C 378 15.24 8.16 -30.80
CA VAL C 378 16.03 9.36 -30.98
C VAL C 378 17.42 8.99 -31.42
N PHE C 379 17.82 7.76 -31.11
CA PHE C 379 19.16 7.32 -31.49
C PHE C 379 19.10 6.17 -32.50
N PRO C 380 18.72 6.47 -33.75
CA PRO C 380 18.59 5.42 -34.75
C PRO C 380 19.90 5.27 -35.51
N THR C 381 20.95 4.94 -34.79
CA THR C 381 22.21 4.67 -35.44
C THR C 381 22.67 3.30 -34.99
N HIS C 382 23.76 2.82 -35.57
CA HIS C 382 24.35 1.54 -35.17
C HIS C 382 25.84 1.72 -34.93
N ASP C 383 26.31 2.97 -35.03
CA ASP C 383 27.70 3.31 -34.82
C ASP C 383 27.88 4.11 -33.53
N SER C 384 28.98 3.92 -32.83
CA SER C 384 29.21 4.62 -31.57
C SER C 384 29.54 6.09 -31.75
N LYS C 385 30.26 6.44 -32.81
CA LYS C 385 30.62 7.85 -33.02
C LYS C 385 29.40 8.64 -33.48
N GLU C 386 28.57 8.02 -34.32
CA GLU C 386 27.33 8.63 -34.79
C GLU C 386 26.40 8.85 -33.59
N HIS C 387 26.36 7.89 -32.67
CA HIS C 387 25.56 7.97 -31.44
C HIS C 387 25.99 9.14 -30.56
N LEU C 388 27.29 9.35 -30.44
CA LEU C 388 27.82 10.45 -29.66
C LEU C 388 27.46 11.78 -30.33
N ALA C 389 27.49 11.82 -31.66
CA ALA C 389 27.12 13.02 -32.40
C ALA C 389 25.64 13.34 -32.19
N MET C 390 24.80 12.33 -32.15
CA MET C 390 23.39 12.55 -31.86
C MET C 390 23.20 13.02 -30.45
N MET C 391 23.93 12.45 -29.51
CA MET C 391 23.81 12.89 -28.14
C MET C 391 24.11 14.39 -28.04
N GLU C 392 25.17 14.83 -28.70
CA GLU C 392 25.53 16.24 -28.61
C GLU C 392 24.46 17.10 -29.26
N ARG C 393 24.01 16.73 -30.46
CA ARG C 393 22.97 17.48 -31.15
C ARG C 393 21.71 17.59 -30.29
N ILE C 394 21.41 16.53 -29.54
CA ILE C 394 20.19 16.50 -28.74
C ILE C 394 20.38 16.98 -27.31
N LEU C 395 21.49 16.59 -26.68
CA LEU C 395 21.73 16.88 -25.27
C LEU C 395 22.83 17.93 -25.04
N GLY C 396 23.65 18.17 -26.05
CA GLY C 396 24.72 19.13 -25.88
C GLY C 396 26.07 18.49 -25.63
N PRO C 397 27.07 19.30 -25.33
CA PRO C 397 28.44 18.77 -25.30
C PRO C 397 28.67 17.79 -24.16
N LEU C 398 29.61 16.87 -24.38
CA LEU C 398 30.04 15.96 -23.33
C LEU C 398 30.71 16.74 -22.23
N PRO C 399 30.49 16.31 -20.97
CA PRO C 399 31.19 16.90 -19.83
C PRO C 399 32.70 16.85 -20.01
N LYS C 400 33.37 17.91 -19.56
CA LYS C 400 34.81 18.03 -19.68
C LYS C 400 35.52 16.75 -19.27
N HIS C 401 35.31 16.34 -18.04
CA HIS C 401 36.09 15.25 -17.47
C HIS C 401 35.90 13.91 -18.18
N MET C 402 34.70 13.63 -18.69
CA MET C 402 34.46 12.32 -19.32
C MET C 402 35.29 12.12 -20.59
N ILE C 403 35.53 13.21 -21.32
CA ILE C 403 36.32 13.11 -22.53
C ILE C 403 37.77 12.75 -22.18
N GLN C 404 38.23 13.22 -21.02
CA GLN C 404 39.62 13.01 -20.63
C GLN C 404 39.88 11.66 -19.98
N LYS C 405 38.92 11.19 -19.19
CA LYS C 405 39.03 9.85 -18.61
C LYS C 405 39.08 8.77 -19.71
N THR C 406 38.06 8.73 -20.56
CA THR C 406 37.91 7.66 -21.56
C THR C 406 39.13 7.38 -22.43
N ARG C 407 39.39 6.09 -22.61
CA ARG C 407 40.50 5.63 -23.43
C ARG C 407 40.12 5.57 -24.89
N LYS C 408 38.86 5.88 -25.18
CA LYS C 408 38.34 5.83 -26.55
C LYS C 408 38.78 7.06 -27.32
N ARG C 409 40.05 7.41 -27.19
CA ARG C 409 40.61 8.61 -27.80
C ARG C 409 40.42 8.64 -29.33
N LYS C 410 40.13 7.47 -29.91
CA LYS C 410 39.84 7.38 -31.34
C LYS C 410 38.73 8.36 -31.78
N TYR C 411 37.68 8.49 -30.96
CA TYR C 411 36.51 9.30 -31.30
C TYR C 411 36.78 10.80 -31.29
N PHE C 412 37.75 11.22 -30.51
CA PHE C 412 37.90 12.63 -30.15
C PHE C 412 39.15 13.25 -30.77
N HIS C 413 39.19 14.58 -30.85
CA HIS C 413 40.43 15.26 -31.24
C HIS C 413 40.68 16.43 -30.31
N HIS C 414 41.10 17.57 -30.87
CA HIS C 414 41.49 18.69 -30.02
C HIS C 414 40.37 19.06 -29.06
N ASP C 415 40.29 18.26 -27.99
CA ASP C 415 39.36 18.45 -26.88
C ASP C 415 37.91 18.09 -27.22
N ARG C 416 37.52 18.26 -28.48
CA ARG C 416 36.14 17.99 -28.87
C ARG C 416 36.03 16.68 -29.65
N LEU C 417 34.95 16.52 -30.41
CA LEU C 417 34.60 15.25 -31.03
C LEU C 417 34.87 15.25 -32.52
N ASP C 418 35.74 14.33 -32.96
CA ASP C 418 36.14 14.20 -34.37
C ASP C 418 34.91 13.96 -35.26
N TRP C 419 34.26 15.05 -35.65
CA TRP C 419 32.98 14.95 -36.33
C TRP C 419 32.72 16.11 -37.30
N ASP C 420 32.35 15.81 -38.56
CA ASP C 420 31.95 16.88 -39.47
C ASP C 420 30.47 16.86 -39.81
N GLU C 421 29.82 17.99 -39.52
CA GLU C 421 28.42 18.22 -39.87
C GLU C 421 28.34 18.51 -41.37
N HIS C 422 28.87 17.59 -42.18
CA HIS C 422 29.00 17.83 -43.62
C HIS C 422 28.98 16.55 -44.46
N SER C 423 29.51 15.45 -43.94
CA SER C 423 29.54 14.20 -44.72
C SER C 423 28.12 13.67 -44.92
N SER C 424 27.98 12.59 -45.67
CA SER C 424 26.66 12.01 -45.86
C SER C 424 26.11 11.44 -44.54
N ALA C 425 26.93 11.42 -43.49
CA ALA C 425 26.48 11.00 -42.17
C ALA C 425 26.21 12.20 -41.24
N GLY C 426 26.96 13.27 -41.43
CA GLY C 426 26.80 14.45 -40.59
C GLY C 426 25.43 15.04 -40.79
N ARG C 427 25.03 15.13 -42.06
CA ARG C 427 23.73 15.64 -42.42
C ARG C 427 22.63 14.71 -41.95
N TYR C 428 22.87 13.40 -42.05
CA TYR C 428 21.93 12.41 -41.51
C TYR C 428 21.59 12.73 -40.07
N VAL C 429 22.63 12.88 -39.24
CA VAL C 429 22.46 13.18 -37.82
C VAL C 429 21.78 14.52 -37.63
N SER C 430 22.22 15.53 -38.37
CA SER C 430 21.66 16.88 -38.29
C SER C 430 20.19 16.94 -38.69
N ARG C 431 19.77 16.02 -39.54
CA ARG C 431 18.40 15.97 -40.02
C ARG C 431 17.51 15.25 -39.04
N ALA C 432 18.07 14.36 -38.26
CA ALA C 432 17.24 13.58 -37.34
C ALA C 432 17.31 14.10 -35.90
N CYS C 433 18.19 15.06 -35.62
CA CYS C 433 18.37 15.49 -34.24
C CYS C 433 18.29 16.99 -34.05
N LYS C 434 17.95 17.36 -32.81
CA LYS C 434 17.78 18.74 -32.40
C LYS C 434 17.73 18.73 -30.88
N PRO C 435 17.82 19.92 -30.25
CA PRO C 435 17.70 20.01 -28.78
C PRO C 435 16.48 19.26 -28.25
N LEU C 436 16.72 18.44 -27.24
CA LEU C 436 15.72 17.56 -26.60
C LEU C 436 14.36 18.20 -26.39
N LYS C 437 14.36 19.46 -25.99
CA LYS C 437 13.12 20.13 -25.60
C LYS C 437 12.28 20.44 -26.84
N GLU C 438 12.96 20.71 -27.95
CA GLU C 438 12.26 21.07 -29.17
C GLU C 438 11.56 19.88 -29.81
N PHE C 439 11.52 18.79 -29.06
CA PHE C 439 10.86 17.57 -29.48
C PHE C 439 9.48 17.56 -28.87
N MET C 440 9.18 18.60 -28.08
CA MET C 440 7.91 18.61 -27.37
C MET C 440 6.76 18.83 -28.35
N LEU C 441 5.72 18.02 -28.19
CA LEU C 441 4.57 18.06 -29.09
C LEU C 441 3.55 19.09 -28.60
N SER C 442 3.56 19.34 -27.29
CA SER C 442 2.70 20.36 -26.71
C SER C 442 3.44 21.17 -25.68
N GLN C 443 3.04 22.41 -25.53
CA GLN C 443 3.62 23.29 -24.54
C GLN C 443 2.99 23.08 -23.17
N ASP C 444 1.98 22.23 -23.12
CA ASP C 444 1.19 22.00 -21.93
C ASP C 444 2.06 21.51 -20.76
N VAL C 445 1.46 21.38 -19.59
CA VAL C 445 2.26 21.32 -18.37
C VAL C 445 2.74 19.92 -18.01
N GLU C 446 1.87 18.92 -18.15
CA GLU C 446 2.26 17.55 -17.92
C GLU C 446 3.39 17.16 -18.87
N HIS C 447 3.30 17.62 -20.11
CA HIS C 447 4.39 17.49 -21.08
C HIS C 447 5.71 18.01 -20.53
N GLU C 448 5.67 19.26 -20.06
CA GLU C 448 6.83 19.92 -19.47
C GLU C 448 7.35 19.17 -18.27
N ARG C 449 6.45 18.57 -17.50
CA ARG C 449 6.87 17.72 -16.40
C ARG C 449 7.59 16.46 -16.89
N LEU C 450 7.01 15.81 -17.90
CA LEU C 450 7.60 14.63 -18.52
C LEU C 450 9.01 14.94 -18.98
N PHE C 451 9.18 16.13 -19.56
CA PHE C 451 10.44 16.45 -20.21
C PHE C 451 11.52 16.93 -19.26
N ASP C 452 11.14 17.18 -18.01
CA ASP C 452 12.14 17.42 -16.98
C ASP C 452 12.71 16.08 -16.54
N LEU C 453 11.83 15.12 -16.32
CA LEU C 453 12.21 13.77 -15.94
C LEU C 453 13.18 13.15 -16.94
N ILE C 454 12.87 13.29 -18.22
CA ILE C 454 13.73 12.75 -19.25
C ILE C 454 15.10 13.41 -19.26
N GLN C 455 15.15 14.73 -19.04
CA GLN C 455 16.42 15.44 -19.03
C GLN C 455 17.23 15.06 -17.79
N LYS C 456 16.53 14.79 -16.70
CA LYS C 456 17.18 14.32 -15.49
C LYS C 456 17.79 12.93 -15.70
N MET C 457 17.03 12.02 -16.32
CA MET C 457 17.47 10.66 -16.65
C MET C 457 18.56 10.57 -17.72
N LEU C 458 18.53 11.50 -18.67
CA LEU C 458 19.58 11.52 -19.68
C LEU C 458 20.73 12.48 -19.34
N GLU C 459 21.05 12.59 -18.05
CA GLU C 459 22.21 13.34 -17.61
C GLU C 459 23.49 12.56 -17.97
N TYR C 460 24.41 13.21 -18.66
CA TYR C 460 25.64 12.54 -19.12
C TYR C 460 26.43 11.83 -18.02
N ASP C 461 26.72 12.56 -16.94
CA ASP C 461 27.54 12.01 -15.85
C ASP C 461 26.67 11.14 -14.94
N PRO C 462 26.86 9.82 -15.05
CA PRO C 462 26.04 8.88 -14.27
C PRO C 462 26.06 9.27 -12.78
N ALA C 463 27.16 9.88 -12.35
CA ALA C 463 27.33 10.36 -10.99
C ALA C 463 26.21 11.31 -10.58
N LYS C 464 25.87 12.24 -11.48
CA LYS C 464 24.84 13.23 -11.18
C LYS C 464 23.46 12.77 -11.65
N ARG C 465 23.43 11.71 -12.46
CA ARG C 465 22.15 11.24 -13.01
C ARG C 465 21.21 10.84 -11.88
N ILE C 466 19.94 11.22 -12.02
CA ILE C 466 18.94 10.87 -11.01
C ILE C 466 18.86 9.36 -10.86
N THR C 467 18.53 8.88 -9.66
CA THR C 467 18.25 7.46 -9.48
C THR C 467 16.74 7.19 -9.60
N LEU C 468 16.36 5.93 -9.63
CA LEU C 468 14.95 5.61 -9.80
C LEU C 468 14.19 5.91 -8.52
N ARG C 469 14.86 5.79 -7.38
CA ARG C 469 14.29 6.11 -6.08
C ARG C 469 13.62 7.49 -6.10
N GLU C 470 14.42 8.47 -6.48
CA GLU C 470 14.02 9.84 -6.59
C GLU C 470 13.00 10.00 -7.71
N ALA C 471 13.35 9.45 -8.88
CA ALA C 471 12.49 9.50 -10.07
C ALA C 471 11.05 9.13 -9.77
N LEU C 472 10.87 8.09 -8.94
CA LEU C 472 9.54 7.65 -8.50
C LEU C 472 8.78 8.70 -7.67
N LYS C 473 9.43 9.82 -7.38
CA LYS C 473 8.78 10.88 -6.63
C LYS C 473 8.50 12.14 -7.50
N HIS C 474 9.19 12.25 -8.63
CA HIS C 474 9.10 13.39 -9.57
C HIS C 474 7.65 13.80 -9.93
N PRO C 475 7.39 15.13 -9.98
CA PRO C 475 6.05 15.69 -10.25
C PRO C 475 5.30 15.05 -11.43
N PHE C 476 6.04 14.62 -12.46
CA PHE C 476 5.40 14.00 -13.63
C PHE C 476 4.43 12.88 -13.23
N PHE C 477 4.72 12.21 -12.12
CA PHE C 477 3.94 11.05 -11.68
C PHE C 477 2.82 11.38 -10.69
N ASP C 478 2.89 12.55 -10.05
CA ASP C 478 2.02 12.89 -8.90
C ASP C 478 0.56 12.50 -9.16
N LEU C 479 0.05 12.85 -10.33
CA LEU C 479 -1.23 12.31 -10.76
C LEU C 479 -1.06 10.78 -10.86
#